data_3MCK
#
_entry.id   3MCK
#
_cell.length_a   172.250
_cell.length_b   78.250
_cell.length_c   74.630
_cell.angle_alpha   90.00
_cell.angle_beta   95.45
_cell.angle_gamma   90.00
#
_symmetry.space_group_name_H-M   'C 1 2 1'
#
loop_
_entity.id
_entity.type
_entity.pdbx_description
1 polymer 'C705 MONOCLONAL LIGHT CHAIN'
2 polymer 'C705 MONOCLONAL HEAVY CHAIN'
3 non-polymer 'ACETATE ION'
4 water water
#
loop_
_entity_poly.entity_id
_entity_poly.type
_entity_poly.pdbx_seq_one_letter_code
_entity_poly.pdbx_strand_id
1 'polypeptide(L)'
;DVMMTQTPLSLPVSLGDQASISCRSSQSLVHSNGNTYLEWYMQKPGQSPMLLIYKVSNRFSGVPDRFSGSGSGTDFTLKI
SSVEAEDLGVFYCFQGSRVPLTFGAGTKLELKRADAAPTVSIFPPSSEQLTSGGASVVCFLNNFYPKDINVKWKIDGSER
QNGVLNSWTDQDSKDSTYSMSSTLTLTKDEYERHNSYTCEATHKTSTSPIVKSFNRNEC
;
L,A
2 'polypeptide(L)'
;QVTLKESGPGILQPSQTLSLTCSFSGFSLSTSGMGVSWIRQPSGKGLEWLAHIYWDDDKRYNPSLKSRLTISKDTSRNQV
FLKITSVDTTDTATYYCTRSSGSIVIATGFAYWGQGTLVTVSAAKTTAPSVYPLAPVCGDTTGSSVTLGCLVKGYFPEPV
TLTWNSGSLSSGVHTFPAVLQSDLYTLSSSVTVTSSTWPSQSITCNVAHPASSTKVDKKIEPRGPTIK
;
H,B
#
# COMPACT_ATOMS: atom_id res chain seq x y z
N ASP A 1 -10.84 28.72 6.96
CA ASP A 1 -10.66 27.87 8.17
C ASP A 1 -9.25 27.30 8.26
N VAL A 2 -8.80 27.03 9.49
CA VAL A 2 -7.53 26.33 9.66
C VAL A 2 -7.75 24.86 9.33
N MET A 3 -6.82 24.32 8.55
CA MET A 3 -6.94 22.98 7.98
C MET A 3 -5.92 22.07 8.64
N MET A 4 -6.41 21.22 9.55
CA MET A 4 -5.57 20.28 10.27
C MET A 4 -5.49 18.99 9.47
N THR A 5 -4.28 18.58 9.12
CA THR A 5 -4.09 17.32 8.41
C THR A 5 -3.26 16.36 9.26
N GLN A 6 -3.69 15.11 9.32
CA GLN A 6 -3.06 14.11 10.18
C GLN A 6 -2.45 13.01 9.35
N THR A 7 -1.27 12.55 9.75
CA THR A 7 -0.59 11.45 9.06
C THR A 7 0.01 10.44 10.04
N PRO A 8 -0.23 9.13 9.81
CA PRO A 8 -1.10 8.61 8.76
C PRO A 8 -2.54 8.57 9.28
N LEU A 9 -3.48 8.18 8.42
CA LEU A 9 -4.88 8.16 8.83
C LEU A 9 -5.21 6.84 9.53
N SER A 10 -4.38 5.83 9.29
CA SER A 10 -4.45 4.59 10.02
C SER A 10 -3.05 4.12 10.38
N LEU A 11 -2.88 3.69 11.64
CA LEU A 11 -1.62 3.13 12.11
C LEU A 11 -1.77 1.78 12.80
N PRO A 12 -1.40 0.70 12.09
CA PRO A 12 -1.31 -0.63 12.64
C PRO A 12 -0.18 -0.70 13.66
N VAL A 13 -0.50 -1.20 14.84
CA VAL A 13 0.40 -1.21 15.95
C VAL A 13 0.35 -2.57 16.63
N SER A 14 1.50 -3.04 17.11
CA SER A 14 1.55 -4.16 18.02
C SER A 14 1.53 -3.58 19.42
N LEU A 15 0.98 -4.33 20.36
CA LEU A 15 0.98 -3.89 21.74
C LEU A 15 2.41 -3.85 22.23
N GLY A 16 2.77 -2.70 22.81
CA GLY A 16 4.11 -2.45 23.29
C GLY A 16 4.85 -1.45 22.41
N ASP A 17 4.49 -1.39 21.12
CA ASP A 17 5.15 -0.51 20.15
C ASP A 17 5.20 0.96 20.55
N GLN A 18 6.15 1.70 19.96
CA GLN A 18 6.10 3.15 19.97
C GLN A 18 5.19 3.61 18.84
N ALA A 19 4.44 4.69 19.08
CA ALA A 19 3.57 5.24 18.07
C ALA A 19 3.77 6.73 17.95
N SER A 20 3.78 7.22 16.70
CA SER A 20 3.93 8.64 16.40
C SER A 20 2.89 9.06 15.36
N ILE A 21 2.12 10.10 15.68
CA ILE A 21 1.20 10.71 14.72
C ILE A 21 1.54 12.18 14.52
N SER A 22 1.53 12.61 13.26
CA SER A 22 1.81 14.00 12.94
C SER A 22 0.53 14.81 12.69
N CYS A 23 0.59 16.08 13.06
CA CYS A 23 -0.47 17.02 12.71
C CYS A 23 0.10 18.29 12.08
N ARG A 24 -0.19 18.47 10.79
CA ARG A 24 0.15 19.70 10.08
C ARG A 24 -1.08 20.60 9.91
N SER A 25 -1.00 21.81 10.44
CA SER A 25 -2.03 22.82 10.24
C SER A 25 -1.73 23.67 9.00
N SER A 26 -2.76 24.34 8.49
CA SER A 26 -2.65 25.15 7.28
C SER A 26 -2.03 26.51 7.55
N GLN A 27 -1.98 26.90 8.82
CA GLN A 27 -1.37 28.17 9.23
C GLN A 27 -0.94 28.15 10.70
N SER A 28 0.03 29.00 11.04
CA SER A 28 0.61 29.06 12.39
C SER A 28 -0.47 29.23 13.47
N LEU A 29 -0.23 28.60 14.62
CA LEU A 29 -1.23 28.56 15.69
C LEU A 29 -0.83 29.41 16.90
N VAL A 30 0.33 30.07 16.80
CA VAL A 30 0.77 31.03 17.80
C VAL A 30 -0.20 32.22 17.85
N HIS A 31 -0.55 32.64 19.07
CA HIS A 31 -1.57 33.65 19.29
C HIS A 31 -1.03 35.07 19.12
N SER A 32 -1.67 36.05 19.77
CA SER A 32 -1.08 37.36 19.95
C SER A 32 -0.04 37.25 21.06
N ASN A 33 -0.26 36.31 21.97
CA ASN A 33 0.75 35.87 22.93
C ASN A 33 1.49 34.66 22.37
N GLY A 34 2.64 34.33 22.96
CA GLY A 34 3.54 33.30 22.42
C GLY A 34 3.06 31.86 22.52
N ASN A 35 2.05 31.61 23.35
CA ASN A 35 1.56 30.24 23.58
C ASN A 35 0.60 29.72 22.50
N THR A 36 0.92 28.52 22.00
CA THR A 36 0.22 27.85 20.91
C THR A 36 -0.88 26.93 21.46
N TYR A 37 -2.03 26.92 20.80
CA TYR A 37 -3.15 26.08 21.23
C TYR A 37 -3.39 24.87 20.31
N LEU A 38 -2.53 23.85 20.46
CA LEU A 38 -2.64 22.62 19.69
C LEU A 38 -2.87 21.45 20.64
N GLU A 39 -3.99 20.74 20.43
CA GLU A 39 -4.38 19.68 21.35
C GLU A 39 -4.60 18.35 20.67
N TRP A 40 -4.55 17.31 21.49
CA TRP A 40 -4.74 15.95 21.05
C TRP A 40 -5.82 15.33 21.88
N TYR A 41 -6.88 14.89 21.22
CA TYR A 41 -7.99 14.20 21.86
C TYR A 41 -7.95 12.77 21.35
N MET A 42 -8.56 11.87 22.11
CA MET A 42 -8.73 10.51 21.66
C MET A 42 -10.17 10.05 21.84
N GLN A 43 -10.56 9.05 21.06
CA GLN A 43 -11.91 8.53 21.12
C GLN A 43 -11.93 7.03 20.86
N LYS A 44 -12.57 6.31 21.78
CA LYS A 44 -12.76 4.87 21.70
C LYS A 44 -14.13 4.61 21.10
N PRO A 45 -14.33 3.42 20.50
CA PRO A 45 -15.63 3.17 19.87
C PRO A 45 -16.77 3.22 20.90
N GLY A 46 -17.87 3.83 20.50
CA GLY A 46 -19.05 3.99 21.36
C GLY A 46 -18.92 5.04 22.44
N GLN A 47 -17.72 5.60 22.60
CA GLN A 47 -17.45 6.60 23.63
C GLN A 47 -17.21 8.02 23.09
N SER A 48 -17.33 9.01 23.96
CA SER A 48 -17.07 10.41 23.65
C SER A 48 -15.56 10.66 23.55
N PRO A 49 -15.14 11.74 22.88
CA PRO A 49 -13.71 12.06 22.85
C PRO A 49 -13.16 12.43 24.22
N MET A 50 -11.87 12.19 24.43
CA MET A 50 -11.17 12.52 25.68
C MET A 50 -9.97 13.42 25.34
N LEU A 51 -9.76 14.45 26.15
CA LEU A 51 -8.56 15.29 26.03
C LEU A 51 -7.32 14.57 26.54
N LEU A 52 -6.21 14.70 25.80
CA LEU A 52 -4.98 14.00 26.15
C LEU A 52 -3.82 14.95 26.42
N ILE A 53 -3.57 15.87 25.48
CA ILE A 53 -2.40 16.75 25.49
C ILE A 53 -2.82 18.14 25.02
N TYR A 54 -2.30 19.16 25.66
CA TYR A 54 -2.66 20.54 25.35
C TYR A 54 -1.42 21.42 25.33
N LYS A 55 -1.50 22.56 24.63
CA LYS A 55 -0.36 23.46 24.44
C LYS A 55 0.84 22.70 23.86
N VAL A 56 0.56 21.91 22.81
CA VAL A 56 1.58 21.12 22.11
C VAL A 56 2.17 19.96 22.92
N SER A 57 2.73 20.24 24.09
CA SER A 57 3.56 19.26 24.80
C SER A 57 3.08 18.87 26.20
N ASN A 58 1.95 19.41 26.65
CA ASN A 58 1.49 19.21 28.03
C ASN A 58 0.34 18.23 28.22
N ARG A 59 0.63 17.13 28.91
CA ARG A 59 -0.35 16.10 29.27
C ARG A 59 -1.48 16.64 30.16
N PHE A 60 -2.71 16.27 29.86
CA PHE A 60 -3.84 16.54 30.74
C PHE A 60 -3.66 15.73 32.02
N SER A 61 -4.24 16.21 33.12
CA SER A 61 -4.16 15.53 34.42
C SER A 61 -4.72 14.12 34.29
N GLY A 62 -3.90 13.12 34.62
CA GLY A 62 -4.31 11.72 34.56
C GLY A 62 -4.03 11.05 33.23
N VAL A 63 -3.14 11.65 32.44
CA VAL A 63 -2.76 11.10 31.15
C VAL A 63 -1.33 10.56 31.27
N PRO A 64 -1.19 9.24 31.10
CA PRO A 64 0.06 8.51 31.30
C PRO A 64 1.25 9.13 30.60
N ASP A 65 2.42 9.05 31.25
CA ASP A 65 3.66 9.61 30.76
C ASP A 65 4.11 9.01 29.42
N ARG A 66 3.42 7.95 28.98
CA ARG A 66 3.67 7.38 27.66
C ARG A 66 3.18 8.30 26.54
N PHE A 67 2.19 9.15 26.84
CA PHE A 67 1.67 10.12 25.87
C PHE A 67 2.51 11.40 25.81
N SER A 68 3.28 11.53 24.73
CA SER A 68 4.20 12.66 24.55
C SER A 68 3.87 13.49 23.30
N GLY A 69 3.86 14.81 23.46
CA GLY A 69 3.58 15.74 22.35
C GLY A 69 4.70 16.73 22.12
N SER A 70 4.97 17.04 20.86
CA SER A 70 6.07 17.95 20.49
C SER A 70 5.83 18.66 19.15
N GLY A 71 6.39 19.86 19.02
CA GLY A 71 6.28 20.63 17.78
C GLY A 71 5.93 22.09 17.97
N SER A 72 5.90 22.82 16.86
CA SER A 72 5.55 24.25 16.84
C SER A 72 5.17 24.70 15.45
N GLY A 73 4.41 25.80 15.37
CA GLY A 73 4.06 26.43 14.11
C GLY A 73 3.12 25.66 13.21
N THR A 74 3.67 24.70 12.47
CA THR A 74 2.94 24.04 11.37
C THR A 74 2.95 22.51 11.40
N ASP A 75 4.03 21.90 11.91
CA ASP A 75 4.08 20.44 12.05
C ASP A 75 4.20 20.02 13.51
N PHE A 76 3.35 19.09 13.90
CA PHE A 76 3.24 18.64 15.27
C PHE A 76 3.26 17.13 15.30
N THR A 77 3.62 16.57 16.44
CA THR A 77 3.69 15.12 16.57
C THR A 77 3.21 14.67 17.94
N LEU A 78 2.51 13.54 17.96
CA LEU A 78 2.08 12.92 19.21
C LEU A 78 2.75 11.56 19.30
N LYS A 79 3.31 11.27 20.46
CA LYS A 79 4.05 10.04 20.67
C LYS A 79 3.48 9.26 21.84
N ILE A 80 3.45 7.94 21.67
CA ILE A 80 2.99 7.00 22.69
C ILE A 80 4.12 6.00 22.74
N SER A 81 4.77 5.90 23.89
CA SER A 81 6.05 5.17 23.98
C SER A 81 5.91 3.66 24.09
N SER A 82 4.78 3.22 24.62
CA SER A 82 4.46 1.82 24.65
C SER A 82 2.95 1.71 24.52
N VAL A 83 2.50 1.31 23.34
CA VAL A 83 1.06 1.19 23.10
C VAL A 83 0.46 0.08 23.95
N GLU A 84 -0.58 0.45 24.67
CA GLU A 84 -1.43 -0.48 25.40
C GLU A 84 -2.78 -0.65 24.68
N ALA A 85 -3.51 -1.71 25.02
CA ALA A 85 -4.84 -1.96 24.42
C ALA A 85 -5.82 -0.78 24.58
N GLU A 86 -5.83 -0.17 25.75
CA GLU A 86 -6.71 0.98 26.03
C GLU A 86 -6.42 2.17 25.12
N ASP A 87 -5.24 2.19 24.49
CA ASP A 87 -4.85 3.28 23.57
C ASP A 87 -5.51 3.17 22.19
N LEU A 88 -5.96 1.98 21.81
CA LEU A 88 -6.58 1.75 20.49
C LEU A 88 -7.88 2.53 20.28
N GLY A 89 -7.97 3.16 19.11
CA GLY A 89 -9.05 4.07 18.77
C GLY A 89 -8.55 5.14 17.82
N VAL A 90 -9.24 6.28 17.85
CA VAL A 90 -8.98 7.40 16.93
C VAL A 90 -8.42 8.60 17.70
N PHE A 91 -7.38 9.21 17.12
CA PHE A 91 -6.74 10.39 17.69
C PHE A 91 -7.01 11.60 16.81
N TYR A 92 -7.38 12.72 17.44
CA TYR A 92 -7.64 13.99 16.74
C TYR A 92 -6.76 15.08 17.30
N CYS A 93 -6.02 15.77 16.43
CA CYS A 93 -5.42 17.06 16.79
C CYS A 93 -6.48 18.14 16.63
N PHE A 94 -6.34 19.22 17.40
CA PHE A 94 -7.34 20.28 17.49
C PHE A 94 -6.67 21.64 17.71
N GLN A 95 -7.20 22.66 17.02
CA GLN A 95 -6.77 24.05 17.21
C GLN A 95 -7.89 24.89 17.80
N GLY A 96 -7.53 25.69 18.80
CA GLY A 96 -8.47 26.63 19.42
C GLY A 96 -8.03 28.07 19.34
N SER A 97 -7.08 28.35 18.44
CA SER A 97 -6.59 29.72 18.23
C SER A 97 -7.64 30.59 17.56
N ARG A 98 -7.98 30.25 16.32
CA ARG A 98 -8.93 31.01 15.51
C ARG A 98 -10.27 30.30 15.37
N VAL A 99 -11.33 31.10 15.36
CA VAL A 99 -12.69 30.65 15.12
C VAL A 99 -12.91 30.58 13.60
N PRO A 100 -13.48 29.47 13.09
CA PRO A 100 -14.02 28.36 13.86
C PRO A 100 -12.97 27.40 14.38
N LEU A 101 -13.25 26.81 15.53
CA LEU A 101 -12.40 25.75 16.07
C LEU A 101 -12.51 24.54 15.15
N THR A 102 -11.37 23.89 14.90
CA THR A 102 -11.31 22.73 14.00
C THR A 102 -10.50 21.56 14.57
N PHE A 103 -10.90 20.38 14.15
CA PHE A 103 -10.24 19.13 14.48
C PHE A 103 -9.69 18.59 13.18
N GLY A 104 -8.64 17.77 13.28
CA GLY A 104 -8.20 16.93 12.16
C GLY A 104 -9.22 15.82 11.95
N ALA A 105 -9.06 15.05 10.88
CA ALA A 105 -10.02 14.01 10.52
C ALA A 105 -9.85 12.75 11.37
N GLY A 106 -8.69 12.62 12.01
CA GLY A 106 -8.42 11.50 12.90
C GLY A 106 -7.37 10.53 12.39
N THR A 107 -6.75 9.82 13.33
CA THR A 107 -5.82 8.72 13.04
C THR A 107 -6.25 7.48 13.84
N LYS A 108 -6.67 6.44 13.13
CA LYS A 108 -7.11 5.21 13.81
C LYS A 108 -5.91 4.32 14.14
N LEU A 109 -5.58 4.26 15.42
CA LEU A 109 -4.62 3.27 15.92
C LEU A 109 -5.29 1.90 16.02
N GLU A 110 -4.78 0.95 15.26
CA GLU A 110 -5.35 -0.40 15.16
C GLU A 110 -4.34 -1.48 15.47
N LEU A 111 -4.85 -2.68 15.75
CA LEU A 111 -4.02 -3.81 16.13
C LEU A 111 -3.49 -4.61 14.95
N LYS A 112 -2.20 -4.89 15.01
CA LYS A 112 -1.51 -5.65 13.98
C LYS A 112 -1.67 -7.14 14.25
N ARG A 113 -1.67 -7.93 13.19
CA ARG A 113 -1.66 -9.38 13.32
C ARG A 113 -1.19 -9.95 11.99
N ALA A 114 -1.05 -11.27 11.92
CA ALA A 114 -0.65 -11.90 10.67
C ALA A 114 -1.72 -11.71 9.59
N ASP A 115 -1.26 -11.45 8.36
CA ASP A 115 -2.14 -11.44 7.19
C ASP A 115 -3.04 -12.67 7.23
N ALA A 116 -4.29 -12.48 6.82
CA ALA A 116 -5.20 -13.60 6.58
C ALA A 116 -5.95 -13.33 5.29
N ALA A 117 -6.20 -14.39 4.52
CA ALA A 117 -7.04 -14.32 3.32
C ALA A 117 -8.53 -14.34 3.70
N PRO A 118 -9.35 -13.52 3.01
CA PRO A 118 -10.78 -13.53 3.35
C PRO A 118 -11.49 -14.84 2.97
N THR A 119 -12.46 -15.24 3.78
CA THR A 119 -13.37 -16.31 3.41
C THR A 119 -14.57 -15.69 2.70
N VAL A 120 -14.64 -15.95 1.40
CA VAL A 120 -15.60 -15.33 0.51
C VAL A 120 -16.80 -16.27 0.34
N SER A 121 -17.99 -15.68 0.44
CA SER A 121 -19.26 -16.40 0.21
C SER A 121 -20.17 -15.55 -0.63
N ILE A 122 -20.69 -16.13 -1.70
CA ILE A 122 -21.61 -15.43 -2.60
C ILE A 122 -23.02 -16.02 -2.43
N PHE A 123 -24.03 -15.15 -2.54
CA PHE A 123 -25.42 -15.57 -2.36
C PHE A 123 -26.34 -15.03 -3.44
N PRO A 124 -26.98 -15.94 -4.20
CA PRO A 124 -27.96 -15.54 -5.19
C PRO A 124 -29.18 -14.88 -4.51
N PRO A 125 -29.95 -14.09 -5.28
CA PRO A 125 -31.19 -13.52 -4.76
C PRO A 125 -32.08 -14.61 -4.19
N SER A 126 -32.66 -14.33 -3.03
CA SER A 126 -33.69 -15.20 -2.50
C SER A 126 -34.93 -15.12 -3.40
N SER A 127 -35.59 -16.27 -3.57
CA SER A 127 -36.85 -16.36 -4.34
C SER A 127 -37.94 -15.44 -3.78
N GLU A 128 -37.87 -15.18 -2.49
CA GLU A 128 -38.77 -14.24 -1.82
C GLU A 128 -38.55 -12.81 -2.31
N GLN A 129 -37.27 -12.43 -2.54
CA GLN A 129 -36.96 -11.09 -3.00
C GLN A 129 -37.34 -10.92 -4.46
N LEU A 130 -37.18 -11.98 -5.24
CA LEU A 130 -37.49 -11.95 -6.66
C LEU A 130 -38.97 -11.73 -6.90
N THR A 131 -39.80 -12.50 -6.19
CA THR A 131 -41.25 -12.32 -6.14
C THR A 131 -41.66 -10.84 -5.96
N SER A 132 -40.85 -10.08 -5.24
CA SER A 132 -41.15 -8.68 -4.97
C SER A 132 -40.57 -7.68 -5.99
N GLY A 133 -39.87 -8.18 -6.99
CA GLY A 133 -39.34 -7.33 -8.07
C GLY A 133 -37.85 -6.99 -8.02
N GLY A 134 -37.21 -7.24 -6.88
CA GLY A 134 -35.81 -6.87 -6.66
C GLY A 134 -34.86 -8.05 -6.78
N ALA A 135 -33.58 -7.77 -7.06
CA ALA A 135 -32.57 -8.84 -7.13
C ALA A 135 -31.24 -8.41 -6.55
N SER A 136 -31.01 -8.77 -5.28
CA SER A 136 -29.76 -8.48 -4.62
C SER A 136 -28.85 -9.69 -4.64
N VAL A 137 -27.62 -9.48 -5.07
CA VAL A 137 -26.62 -10.53 -4.98
C VAL A 137 -25.63 -10.08 -3.91
N VAL A 138 -25.39 -10.96 -2.96
CA VAL A 138 -24.63 -10.57 -1.78
C VAL A 138 -23.36 -11.40 -1.63
N CYS A 139 -22.30 -10.73 -1.20
CA CYS A 139 -21.02 -11.36 -1.05
C CYS A 139 -20.45 -11.01 0.29
N PHE A 140 -20.13 -12.04 1.07
CA PHE A 140 -19.45 -11.85 2.33
C PHE A 140 -17.96 -12.17 2.16
N LEU A 141 -17.10 -11.31 2.71
CA LEU A 141 -15.66 -11.50 2.63
C LEU A 141 -15.19 -11.35 4.07
N ASN A 142 -14.94 -12.48 4.71
CA ASN A 142 -14.88 -12.55 6.16
C ASN A 142 -13.51 -12.93 6.70
N ASN A 143 -13.17 -12.34 7.84
CA ASN A 143 -11.94 -12.64 8.59
C ASN A 143 -10.64 -12.49 7.80
N PHE A 144 -10.39 -11.28 7.32
CA PHE A 144 -9.17 -10.98 6.58
C PHE A 144 -8.35 -9.91 7.31
N TYR A 145 -7.09 -9.81 6.91
CA TYR A 145 -6.14 -8.81 7.40
C TYR A 145 -5.01 -8.73 6.37
N PRO A 146 -4.57 -7.51 5.99
CA PRO A 146 -4.96 -6.18 6.50
C PRO A 146 -6.33 -5.74 5.98
N LYS A 147 -6.84 -4.65 6.53
CA LYS A 147 -8.19 -4.16 6.25
C LYS A 147 -8.37 -3.72 4.80
N ASP A 148 -7.26 -3.52 4.11
CA ASP A 148 -7.24 -3.09 2.72
C ASP A 148 -7.67 -4.25 1.82
N ILE A 149 -8.82 -4.10 1.18
CA ILE A 149 -9.32 -5.11 0.26
C ILE A 149 -10.08 -4.45 -0.87
N ASN A 150 -10.23 -5.16 -1.98
CA ASN A 150 -11.04 -4.65 -3.06
C ASN A 150 -11.96 -5.68 -3.70
N VAL A 151 -13.19 -5.23 -3.98
CA VAL A 151 -14.25 -6.11 -4.43
C VAL A 151 -14.64 -5.72 -5.84
N LYS A 152 -14.73 -6.72 -6.72
CA LYS A 152 -15.22 -6.47 -8.07
C LYS A 152 -16.34 -7.43 -8.38
N TRP A 153 -17.41 -6.86 -8.93
CA TRP A 153 -18.54 -7.63 -9.41
C TRP A 153 -18.41 -7.75 -10.90
N LYS A 154 -18.66 -8.96 -11.40
CA LYS A 154 -18.65 -9.21 -12.84
C LYS A 154 -19.90 -10.00 -13.17
N ILE A 155 -20.57 -9.58 -14.24
CA ILE A 155 -21.72 -10.32 -14.74
C ILE A 155 -21.40 -10.73 -16.17
N ASP A 156 -21.49 -12.04 -16.42
CA ASP A 156 -21.05 -12.66 -17.67
C ASP A 156 -19.67 -12.13 -18.07
N GLY A 157 -18.74 -12.15 -17.13
CA GLY A 157 -17.37 -11.72 -17.37
C GLY A 157 -17.14 -10.23 -17.59
N SER A 158 -18.21 -9.43 -17.49
CA SER A 158 -18.11 -7.98 -17.66
C SER A 158 -18.27 -7.27 -16.31
N GLU A 159 -17.32 -6.40 -15.96
CA GLU A 159 -17.35 -5.69 -14.69
C GLU A 159 -18.60 -4.81 -14.53
N ARG A 160 -19.15 -4.82 -13.32
CA ARG A 160 -20.33 -4.03 -12.98
C ARG A 160 -20.02 -3.17 -11.77
N GLN A 161 -20.21 -1.86 -11.91
CA GLN A 161 -19.89 -0.93 -10.83
C GLN A 161 -21.11 -0.31 -10.13
N ASN A 162 -22.18 -0.10 -10.89
CA ASN A 162 -23.40 0.54 -10.41
C ASN A 162 -24.35 -0.37 -9.61
N GLY A 163 -24.96 0.20 -8.58
CA GLY A 163 -25.84 -0.55 -7.69
C GLY A 163 -25.11 -1.40 -6.67
N VAL A 164 -23.82 -1.13 -6.45
CA VAL A 164 -23.01 -1.87 -5.48
C VAL A 164 -22.93 -1.12 -4.14
N LEU A 165 -23.38 -1.78 -3.07
CA LEU A 165 -23.31 -1.22 -1.72
C LEU A 165 -22.39 -2.04 -0.83
N ASN A 166 -21.36 -1.39 -0.28
CA ASN A 166 -20.43 -2.06 0.62
C ASN A 166 -20.55 -1.63 2.06
N SER A 167 -20.25 -2.55 2.96
CA SER A 167 -20.23 -2.28 4.38
C SER A 167 -19.08 -3.06 5.03
N TRP A 168 -18.38 -2.43 5.97
CA TRP A 168 -17.20 -3.03 6.61
C TRP A 168 -17.39 -3.00 8.12
N THR A 169 -17.04 -4.11 8.78
CA THR A 169 -17.04 -4.14 10.24
C THR A 169 -15.86 -3.34 10.78
N ASP A 170 -15.94 -3.04 12.08
CA ASP A 170 -14.77 -2.62 12.85
C ASP A 170 -13.85 -3.82 13.05
N GLN A 171 -12.56 -3.57 13.27
CA GLN A 171 -11.64 -4.62 13.65
C GLN A 171 -12.23 -5.46 14.79
N ASP A 172 -12.17 -6.78 14.64
CA ASP A 172 -12.73 -7.71 15.63
C ASP A 172 -11.95 -7.66 16.93
N SER A 173 -12.65 -7.87 18.05
CA SER A 173 -12.05 -7.83 19.40
C SER A 173 -11.21 -9.04 19.73
N LYS A 174 -11.53 -10.20 19.16
CA LYS A 174 -10.82 -11.43 19.51
C LYS A 174 -9.81 -11.94 18.50
N ASP A 175 -10.02 -11.65 17.22
CA ASP A 175 -9.15 -12.22 16.20
C ASP A 175 -8.47 -11.17 15.34
N SER A 176 -8.75 -9.90 15.62
CA SER A 176 -8.08 -8.74 15.00
C SER A 176 -8.27 -8.62 13.49
N THR A 177 -9.19 -9.42 12.94
CA THR A 177 -9.55 -9.37 11.53
C THR A 177 -10.66 -8.33 11.25
N TYR A 178 -10.97 -8.22 9.95
CA TYR A 178 -11.97 -7.30 9.43
C TYR A 178 -12.84 -8.16 8.54
N SER A 179 -14.07 -7.71 8.31
CA SER A 179 -14.97 -8.39 7.38
C SER A 179 -15.72 -7.34 6.60
N MET A 180 -16.20 -7.74 5.44
CA MET A 180 -16.83 -6.84 4.50
C MET A 180 -18.04 -7.56 3.94
N SER A 181 -19.11 -6.79 3.72
CA SER A 181 -20.26 -7.24 2.95
C SER A 181 -20.41 -6.33 1.73
N SER A 182 -20.64 -6.95 0.58
CA SER A 182 -20.83 -6.25 -0.68
C SER A 182 -22.09 -6.79 -1.36
N THR A 183 -23.06 -5.90 -1.58
CA THR A 183 -24.33 -6.23 -2.23
C THR A 183 -24.45 -5.53 -3.57
N LEU A 184 -24.71 -6.32 -4.61
CA LEU A 184 -25.07 -5.78 -5.91
C LEU A 184 -26.61 -5.83 -6.05
N THR A 185 -27.25 -4.67 -6.18
CA THR A 185 -28.70 -4.67 -6.36
C THR A 185 -29.12 -4.33 -7.78
N LEU A 186 -29.84 -5.29 -8.38
CA LEU A 186 -30.39 -5.16 -9.71
C LEU A 186 -31.91 -5.17 -9.63
N THR A 187 -32.56 -4.85 -10.75
CA THR A 187 -33.96 -5.14 -10.94
C THR A 187 -34.06 -6.64 -11.19
N LYS A 188 -35.23 -7.23 -10.97
CA LYS A 188 -35.42 -8.65 -11.24
C LYS A 188 -35.14 -8.92 -12.71
N ASP A 189 -35.67 -8.05 -13.57
CA ASP A 189 -35.53 -8.17 -15.02
C ASP A 189 -34.07 -8.20 -15.50
N GLU A 190 -33.29 -7.22 -15.06
CA GLU A 190 -31.86 -7.19 -15.34
C GLU A 190 -31.16 -8.46 -14.86
N TYR A 191 -31.47 -8.87 -13.63
CA TYR A 191 -30.92 -10.12 -13.09
C TYR A 191 -31.13 -11.29 -14.05
N GLU A 192 -32.36 -11.42 -14.54
CA GLU A 192 -32.74 -12.54 -15.40
C GLU A 192 -32.14 -12.44 -16.80
N ARG A 193 -31.69 -11.26 -17.18
CA ARG A 193 -31.12 -11.02 -18.52
C ARG A 193 -29.70 -11.58 -18.68
N HIS A 194 -29.14 -12.12 -17.60
CA HIS A 194 -27.75 -12.56 -17.57
C HIS A 194 -27.65 -13.87 -16.82
N ASN A 195 -26.49 -14.51 -16.86
CA ASN A 195 -26.34 -15.84 -16.26
C ASN A 195 -25.30 -15.94 -15.15
N SER A 196 -24.09 -15.46 -15.44
CA SER A 196 -22.92 -15.69 -14.61
C SER A 196 -22.72 -14.58 -13.59
N TYR A 197 -22.63 -14.95 -12.32
CA TYR A 197 -22.45 -13.97 -11.26
C TYR A 197 -21.24 -14.24 -10.42
N THR A 198 -20.35 -13.23 -10.36
CA THR A 198 -19.03 -13.41 -9.76
C THR A 198 -18.69 -12.26 -8.84
N CYS A 199 -18.29 -12.63 -7.62
CA CYS A 199 -17.77 -11.71 -6.63
C CYS A 199 -16.27 -11.98 -6.54
N GLU A 200 -15.46 -10.96 -6.81
CA GLU A 200 -14.00 -11.07 -6.90
C GLU A 200 -13.28 -10.20 -5.90
N ALA A 201 -12.44 -10.83 -5.08
CA ALA A 201 -11.67 -10.13 -4.06
C ALA A 201 -10.17 -10.06 -4.43
N THR A 202 -9.60 -8.86 -4.27
CA THR A 202 -8.18 -8.69 -4.37
C THR A 202 -7.68 -8.17 -3.03
N HIS A 203 -6.68 -8.87 -2.50
CA HIS A 203 -6.18 -8.68 -1.15
C HIS A 203 -4.74 -9.23 -1.10
N LYS A 204 -3.84 -8.51 -0.43
CA LYS A 204 -2.39 -8.81 -0.50
C LYS A 204 -1.98 -10.27 -0.23
N THR A 205 -2.85 -11.03 0.40
CA THR A 205 -2.53 -12.41 0.78
C THR A 205 -2.33 -13.35 -0.40
N SER A 206 -2.65 -12.87 -1.60
CA SER A 206 -2.44 -13.62 -2.82
C SER A 206 -2.36 -12.73 -4.04
N THR A 207 -1.42 -13.07 -4.91
CA THR A 207 -1.35 -12.48 -6.24
C THR A 207 -2.63 -12.83 -7.01
N SER A 208 -3.12 -14.06 -6.88
CA SER A 208 -4.36 -14.47 -7.53
C SER A 208 -5.63 -14.18 -6.70
N PRO A 209 -6.68 -13.65 -7.36
CA PRO A 209 -7.88 -13.22 -6.63
C PRO A 209 -8.71 -14.39 -6.09
N ILE A 210 -9.40 -14.16 -4.96
CA ILE A 210 -10.39 -15.14 -4.51
C ILE A 210 -11.76 -14.74 -5.09
N VAL A 211 -12.33 -15.64 -5.85
CA VAL A 211 -13.62 -15.40 -6.47
C VAL A 211 -14.62 -16.47 -6.06
N LYS A 212 -15.87 -16.04 -5.93
CA LYS A 212 -16.98 -16.93 -5.78
C LYS A 212 -17.95 -16.51 -6.85
N SER A 213 -18.48 -17.51 -7.55
CA SER A 213 -19.36 -17.27 -8.68
C SER A 213 -20.49 -18.27 -8.67
N PHE A 214 -21.60 -17.91 -9.29
CA PHE A 214 -22.68 -18.85 -9.53
C PHE A 214 -23.28 -18.59 -10.91
N ASN A 215 -23.97 -19.59 -11.44
CA ASN A 215 -24.72 -19.43 -12.69
C ASN A 215 -26.20 -19.57 -12.43
N ARG A 216 -26.95 -18.55 -12.85
CA ARG A 216 -28.37 -18.46 -12.57
C ARG A 216 -29.12 -19.74 -12.97
N ASN A 217 -29.21 -20.02 -14.27
CA ASN A 217 -30.03 -21.14 -14.76
C ASN A 217 -29.66 -22.50 -14.17
N GLU A 218 -28.50 -23.04 -14.55
CA GLU A 218 -28.11 -24.39 -14.17
C GLU A 218 -27.41 -24.40 -12.81
N CYS A 219 -27.97 -25.16 -11.87
CA CYS A 219 -27.40 -25.29 -10.54
C CYS A 219 -27.41 -26.75 -10.07
N GLN B 1 -17.21 13.73 39.17
CA GLN B 1 -17.75 15.00 39.76
C GLN B 1 -18.45 15.86 38.69
N VAL B 2 -17.74 16.15 37.59
CA VAL B 2 -18.31 16.95 36.50
C VAL B 2 -19.01 16.05 35.46
N THR B 3 -20.30 16.29 35.24
CA THR B 3 -21.05 15.52 34.24
C THR B 3 -21.84 16.40 33.28
N LEU B 4 -22.04 15.90 32.06
CA LEU B 4 -22.81 16.60 31.04
C LEU B 4 -23.77 15.60 30.37
N LYS B 5 -25.02 15.99 30.19
CA LYS B 5 -26.01 15.14 29.54
C LYS B 5 -26.79 15.88 28.45
N GLU B 6 -26.72 15.37 27.23
CA GLU B 6 -27.47 15.96 26.10
C GLU B 6 -28.78 15.25 25.80
N SER B 7 -29.75 16.02 25.33
CA SER B 7 -31.10 15.51 25.03
C SER B 7 -31.79 16.36 23.95
N GLY B 8 -32.78 15.76 23.28
CA GLY B 8 -33.53 16.42 22.19
C GLY B 8 -34.19 15.35 21.31
N PRO B 9 -35.04 15.75 20.36
CA PRO B 9 -35.63 14.72 19.48
C PRO B 9 -34.56 14.01 18.62
N GLY B 10 -34.71 12.69 18.47
CA GLY B 10 -33.80 11.90 17.66
C GLY B 10 -34.12 11.88 16.17
N ILE B 11 -35.32 12.31 15.82
CA ILE B 11 -35.72 12.39 14.42
C ILE B 11 -36.48 13.67 14.12
N LEU B 12 -36.06 14.33 13.05
CA LEU B 12 -36.74 15.50 12.50
C LEU B 12 -36.84 15.34 11.01
N GLN B 13 -37.78 16.04 10.40
CA GLN B 13 -37.78 16.12 8.94
C GLN B 13 -37.05 17.39 8.46
N PRO B 14 -36.50 17.37 7.23
CA PRO B 14 -35.90 18.60 6.71
C PRO B 14 -36.81 19.82 6.90
N SER B 15 -36.17 20.97 7.18
CA SER B 15 -36.78 22.31 7.33
C SER B 15 -37.26 22.59 8.75
N GLN B 16 -37.28 21.56 9.58
CA GLN B 16 -37.72 21.73 10.97
C GLN B 16 -36.60 22.31 11.84
N THR B 17 -36.97 22.69 13.06
CA THR B 17 -36.05 23.29 14.02
C THR B 17 -35.68 22.24 15.04
N LEU B 18 -34.37 22.04 15.21
CA LEU B 18 -33.85 21.19 16.25
C LEU B 18 -33.50 22.03 17.48
N SER B 19 -34.06 21.63 18.63
CA SER B 19 -33.78 22.26 19.92
C SER B 19 -33.19 21.22 20.85
N LEU B 20 -31.90 21.38 21.17
CA LEU B 20 -31.17 20.46 22.02
C LEU B 20 -30.88 21.05 23.39
N THR B 21 -30.74 20.19 24.38
CA THR B 21 -30.41 20.61 25.74
C THR B 21 -29.19 19.86 26.27
N CYS B 22 -28.31 20.61 26.93
CA CYS B 22 -27.20 20.07 27.67
C CYS B 22 -27.43 20.30 29.17
N SER B 23 -27.70 19.22 29.90
CA SER B 23 -27.89 19.31 31.36
C SER B 23 -26.64 18.85 32.07
N PHE B 24 -26.14 19.67 32.99
CA PHE B 24 -24.84 19.39 33.63
C PHE B 24 -24.77 19.52 35.16
N SER B 25 -23.65 19.04 35.71
CA SER B 25 -23.38 19.02 37.14
C SER B 25 -21.87 18.99 37.39
N GLY B 26 -21.46 19.41 38.58
CA GLY B 26 -20.04 19.35 38.97
C GLY B 26 -19.28 20.64 38.80
N PHE B 27 -19.88 21.57 38.06
CA PHE B 27 -19.38 22.95 37.94
C PHE B 27 -20.61 23.85 37.77
N SER B 28 -20.46 25.15 37.96
CA SER B 28 -21.56 26.07 37.65
C SER B 28 -21.20 26.98 36.47
N LEU B 29 -22.20 27.43 35.73
CA LEU B 29 -21.93 28.20 34.52
C LEU B 29 -21.65 29.66 34.83
N SER B 30 -22.01 30.09 36.03
CA SER B 30 -21.79 31.46 36.47
C SER B 30 -20.56 31.59 37.35
N THR B 31 -19.42 31.15 36.80
CA THR B 31 -18.10 31.35 37.38
C THR B 31 -17.14 31.62 36.22
N SER B 32 -16.17 32.50 36.47
CA SER B 32 -15.22 32.93 35.45
C SER B 32 -14.42 31.77 34.85
N GLY B 33 -14.26 31.80 33.53
CA GLY B 33 -13.46 30.80 32.84
C GLY B 33 -14.24 29.61 32.31
N MET B 34 -15.49 29.48 32.73
CA MET B 34 -16.34 28.37 32.30
C MET B 34 -16.93 28.59 30.92
N GLY B 35 -16.98 27.53 30.13
CA GLY B 35 -17.57 27.59 28.79
C GLY B 35 -18.16 26.26 28.39
N VAL B 36 -19.23 26.31 27.60
CA VAL B 36 -19.84 25.12 27.02
C VAL B 36 -19.92 25.20 25.49
N SER B 37 -19.25 24.25 24.84
CA SER B 37 -19.29 24.10 23.38
C SER B 37 -20.19 22.97 22.93
N TRP B 38 -20.82 23.16 21.78
CA TRP B 38 -21.50 22.08 21.06
C TRP B 38 -20.63 21.63 19.90
N ILE B 39 -20.41 20.33 19.82
CA ILE B 39 -19.63 19.70 18.75
C ILE B 39 -20.45 18.51 18.20
N ARG B 40 -20.42 18.30 16.89
CA ARG B 40 -21.13 17.16 16.30
C ARG B 40 -20.21 16.23 15.51
N GLN B 41 -20.58 14.95 15.45
CA GLN B 41 -19.89 13.96 14.65
C GLN B 41 -20.87 13.13 13.80
N PRO B 42 -20.87 13.34 12.47
CA PRO B 42 -21.52 12.35 11.62
C PRO B 42 -20.87 10.98 11.80
N SER B 43 -21.67 9.93 11.65
CA SER B 43 -21.20 8.55 11.84
C SER B 43 -19.98 8.23 10.99
N GLY B 44 -18.97 7.64 11.64
CA GLY B 44 -17.68 7.37 11.01
C GLY B 44 -16.76 8.57 10.97
N LYS B 45 -17.32 9.73 10.63
CA LYS B 45 -16.53 10.91 10.29
C LYS B 45 -15.95 11.68 11.49
N GLY B 46 -15.37 12.86 11.24
CA GLY B 46 -14.70 13.61 12.28
C GLY B 46 -15.61 14.58 13.02
N LEU B 47 -15.04 15.26 14.01
CA LEU B 47 -15.81 16.22 14.82
C LEU B 47 -15.89 17.53 14.08
N GLU B 48 -16.99 18.23 14.30
CA GLU B 48 -17.19 19.56 13.78
C GLU B 48 -17.70 20.44 14.92
N TRP B 49 -16.95 21.50 15.24
CA TRP B 49 -17.35 22.47 16.28
C TRP B 49 -18.46 23.41 15.79
N LEU B 50 -19.42 23.70 16.65
CA LEU B 50 -20.63 24.45 16.25
C LEU B 50 -20.80 25.84 16.87
N ALA B 51 -20.75 25.88 18.20
CA ALA B 51 -20.96 27.10 18.94
C ALA B 51 -20.31 26.97 20.31
N HIS B 52 -19.97 28.11 20.89
CA HIS B 52 -19.48 28.15 22.27
C HIS B 52 -20.15 29.30 23.00
N ILE B 53 -20.61 29.03 24.21
CA ILE B 53 -21.16 30.07 25.07
C ILE B 53 -20.30 30.19 26.32
N TYR B 54 -20.11 31.43 26.77
CA TYR B 54 -19.22 31.73 27.87
C TYR B 54 -19.97 31.98 29.16
N TRP B 55 -19.21 31.91 30.26
CA TRP B 55 -19.71 32.26 31.59
C TRP B 55 -20.47 33.60 31.64
N ASP B 56 -20.04 34.57 30.82
CA ASP B 56 -20.67 35.91 30.76
C ASP B 56 -21.70 36.08 29.63
N ASP B 57 -22.17 34.96 29.09
CA ASP B 57 -23.16 34.95 28.00
C ASP B 57 -22.62 35.56 26.70
N ASP B 58 -21.30 35.58 26.56
CA ASP B 58 -20.66 35.89 25.28
C ASP B 58 -20.71 34.61 24.44
N LYS B 59 -20.84 34.77 23.13
CA LYS B 59 -21.07 33.64 22.24
C LYS B 59 -20.15 33.66 21.01
N ARG B 60 -19.99 32.49 20.40
CA ARG B 60 -19.13 32.29 19.25
C ARG B 60 -19.65 31.10 18.45
N TYR B 61 -19.85 31.33 17.16
CA TYR B 61 -20.46 30.35 16.29
C TYR B 61 -19.54 29.95 15.15
N ASN B 62 -19.82 28.78 14.57
CA ASN B 62 -19.21 28.40 13.30
C ASN B 62 -19.83 29.30 12.24
N PRO B 63 -19.01 30.12 11.56
CA PRO B 63 -19.55 30.99 10.51
C PRO B 63 -20.27 30.22 9.40
N SER B 64 -19.85 28.98 9.15
CA SER B 64 -20.46 28.16 8.11
C SER B 64 -21.89 27.67 8.46
N LEU B 65 -22.30 27.84 9.72
CA LEU B 65 -23.69 27.58 10.15
C LEU B 65 -24.37 28.76 10.86
N LYS B 66 -23.62 29.85 11.05
CA LYS B 66 -24.07 31.04 11.81
C LYS B 66 -25.55 31.45 11.75
N SER B 67 -26.12 31.54 10.55
CA SER B 67 -27.52 31.93 10.36
C SER B 67 -28.53 30.91 10.86
N ARG B 68 -28.08 29.69 11.12
CA ARG B 68 -28.97 28.63 11.59
C ARG B 68 -28.80 28.30 13.09
N LEU B 69 -27.76 28.86 13.70
CA LEU B 69 -27.36 28.49 15.08
C LEU B 69 -27.71 29.54 16.12
N THR B 70 -28.16 29.08 17.28
CA THR B 70 -28.39 29.96 18.44
C THR B 70 -28.06 29.20 19.72
N ILE B 71 -26.95 29.59 20.37
CA ILE B 71 -26.52 28.99 21.64
C ILE B 71 -26.99 29.87 22.79
N SER B 72 -27.56 29.21 23.82
CA SER B 72 -28.29 29.86 24.89
C SER B 72 -27.99 29.17 26.22
N LYS B 73 -28.32 29.82 27.34
CA LYS B 73 -28.03 29.26 28.66
C LYS B 73 -29.15 29.47 29.68
N ASP B 74 -29.27 28.54 30.62
CA ASP B 74 -30.07 28.71 31.82
C ASP B 74 -29.15 28.31 32.98
N THR B 75 -28.34 29.28 33.40
CA THR B 75 -27.30 29.14 34.43
C THR B 75 -27.86 28.64 35.75
N SER B 76 -29.04 29.16 36.10
CA SER B 76 -29.79 28.70 37.28
C SER B 76 -30.10 27.21 37.22
N ARG B 77 -30.60 26.75 36.07
CA ARG B 77 -31.08 25.38 35.91
C ARG B 77 -29.98 24.39 35.55
N ASN B 78 -28.77 24.88 35.37
CA ASN B 78 -27.65 24.08 34.86
C ASN B 78 -27.98 23.54 33.47
N GLN B 79 -28.44 24.42 32.59
CA GLN B 79 -28.86 24.06 31.26
C GLN B 79 -28.24 24.98 30.20
N VAL B 80 -27.67 24.34 29.18
CA VAL B 80 -27.16 25.01 27.99
C VAL B 80 -27.94 24.48 26.79
N PHE B 81 -28.43 25.38 25.93
CA PHE B 81 -29.29 25.03 24.81
C PHE B 81 -28.65 25.32 23.47
N LEU B 82 -29.06 24.56 22.44
CA LEU B 82 -28.83 24.99 21.06
C LEU B 82 -30.05 24.84 20.17
N LYS B 83 -30.22 25.83 19.31
CA LYS B 83 -31.28 25.87 18.34
C LYS B 83 -30.64 25.88 16.95
N ILE B 84 -31.04 24.90 16.14
CA ILE B 84 -30.64 24.82 14.75
C ILE B 84 -31.89 24.83 13.87
N THR B 85 -32.01 25.90 13.10
CA THR B 85 -33.13 26.10 12.20
C THR B 85 -32.87 25.41 10.84
N SER B 86 -33.95 25.16 10.11
CA SER B 86 -33.90 24.66 8.74
C SER B 86 -32.99 23.46 8.59
N VAL B 87 -33.26 22.41 9.37
CA VAL B 87 -32.43 21.22 9.35
C VAL B 87 -32.50 20.56 7.98
N ASP B 88 -31.35 20.03 7.56
CA ASP B 88 -31.30 19.28 6.35
C ASP B 88 -30.59 17.98 6.70
N THR B 89 -30.59 17.08 5.74
CA THR B 89 -29.94 15.77 5.83
C THR B 89 -28.54 15.75 6.48
N THR B 90 -27.74 16.77 6.21
CA THR B 90 -26.34 16.78 6.66
C THR B 90 -26.17 17.21 8.13
N ASP B 91 -27.29 17.61 8.74
CA ASP B 91 -27.33 17.85 10.17
C ASP B 91 -27.51 16.54 10.94
N THR B 92 -27.58 15.43 10.22
CA THR B 92 -27.58 14.10 10.84
C THR B 92 -26.23 13.84 11.49
N ALA B 93 -26.25 13.67 12.80
CA ALA B 93 -25.04 13.52 13.59
C ALA B 93 -25.36 13.22 15.03
N THR B 94 -24.32 12.84 15.77
CA THR B 94 -24.36 12.84 17.21
C THR B 94 -23.94 14.23 17.67
N TYR B 95 -24.75 14.85 18.51
CA TYR B 95 -24.44 16.17 19.03
C TYR B 95 -23.95 16.05 20.47
N TYR B 96 -22.72 16.52 20.68
CA TYR B 96 -22.10 16.58 22.00
C TYR B 96 -22.11 17.99 22.56
N CYS B 97 -22.24 18.07 23.89
CA CYS B 97 -21.92 19.26 24.63
C CYS B 97 -20.73 18.94 25.54
N THR B 98 -19.93 19.96 25.81
CA THR B 98 -18.66 19.79 26.48
C THR B 98 -18.27 21.10 27.16
N ARG B 99 -17.75 21.00 28.37
CA ARG B 99 -17.22 22.19 29.03
C ARG B 99 -15.71 22.25 28.84
N SER B 100 -15.20 23.46 28.76
CA SER B 100 -13.77 23.70 28.56
C SER B 100 -12.99 23.57 29.88
N SER B 101 -11.66 23.77 29.79
CA SER B 101 -10.78 23.62 30.95
C SER B 101 -11.35 24.25 32.22
N GLY B 102 -11.73 25.52 32.12
CA GLY B 102 -12.33 26.24 33.25
C GLY B 102 -11.41 27.24 33.89
N SER B 103 -10.35 27.61 33.16
CA SER B 103 -9.36 28.55 33.68
C SER B 103 -9.75 29.99 33.40
N ILE B 104 -9.46 30.49 32.20
CA ILE B 104 -9.74 31.88 31.83
C ILE B 104 -10.09 32.08 30.35
N VAL B 105 -9.13 31.80 29.46
CA VAL B 105 -9.33 32.01 28.02
C VAL B 105 -9.81 30.72 27.33
N ILE B 106 -11.03 30.78 26.81
CA ILE B 106 -11.74 29.57 26.37
C ILE B 106 -12.17 29.30 24.94
N ALA B 107 -11.33 28.55 24.25
CA ALA B 107 -11.68 27.90 22.99
C ALA B 107 -11.05 26.51 22.94
N THR B 108 -10.49 26.10 24.08
CA THR B 108 -9.67 24.89 24.15
C THR B 108 -9.97 24.07 25.40
N GLY B 109 -9.27 22.93 25.50
CA GLY B 109 -9.27 22.10 26.68
C GLY B 109 -10.61 21.47 27.01
N PHE B 110 -11.21 20.80 26.02
CA PHE B 110 -12.47 20.10 26.23
C PHE B 110 -12.22 18.76 26.93
N ALA B 111 -12.31 18.78 28.25
CA ALA B 111 -11.91 17.66 29.08
C ALA B 111 -13.11 16.79 29.39
N TYR B 112 -14.23 17.44 29.66
CA TYR B 112 -15.47 16.77 30.01
C TYR B 112 -16.50 16.90 28.90
N TRP B 113 -16.98 15.75 28.45
CA TRP B 113 -17.95 15.65 27.37
C TRP B 113 -19.14 14.87 27.87
N GLY B 114 -20.32 15.26 27.40
CA GLY B 114 -21.51 14.44 27.56
C GLY B 114 -21.47 13.18 26.71
N GLN B 115 -22.56 12.41 26.81
CA GLN B 115 -22.72 11.12 26.14
C GLN B 115 -22.85 11.28 24.62
N GLY B 116 -23.44 12.39 24.21
CA GLY B 116 -23.82 12.64 22.81
C GLY B 116 -25.21 12.10 22.57
N THR B 117 -26.03 12.88 21.86
CA THR B 117 -27.33 12.41 21.42
C THR B 117 -27.35 12.30 19.89
N LEU B 118 -27.90 11.20 19.38
CA LEU B 118 -28.13 11.05 17.94
C LEU B 118 -29.36 11.81 17.47
N VAL B 119 -29.15 12.74 16.55
CA VAL B 119 -30.23 13.34 15.79
C VAL B 119 -30.06 12.87 14.35
N THR B 120 -31.14 12.32 13.81
CA THR B 120 -31.23 11.95 12.42
C THR B 120 -32.26 12.81 11.72
N VAL B 121 -31.85 13.46 10.64
CA VAL B 121 -32.77 14.24 9.82
C VAL B 121 -33.11 13.53 8.50
N SER B 122 -34.38 13.19 8.32
CA SER B 122 -34.82 12.45 7.14
C SER B 122 -36.28 12.77 6.81
N ALA B 123 -36.63 12.71 5.53
CA ALA B 123 -38.02 12.87 5.11
C ALA B 123 -38.67 11.50 4.92
N ALA B 124 -37.95 10.45 5.30
CA ALA B 124 -38.44 9.10 5.15
C ALA B 124 -39.48 8.80 6.23
N LYS B 125 -40.50 8.08 5.80
CA LYS B 125 -41.53 7.47 6.64
C LYS B 125 -41.08 6.12 7.17
N THR B 126 -41.53 5.80 8.38
CA THR B 126 -41.28 4.51 9.02
C THR B 126 -41.65 3.37 8.09
N THR B 127 -40.71 2.44 7.97
CA THR B 127 -40.81 1.37 7.00
C THR B 127 -40.19 0.15 7.64
N ALA B 128 -40.97 -0.92 7.65
CA ALA B 128 -40.58 -2.20 8.19
C ALA B 128 -39.54 -2.85 7.26
N PRO B 129 -38.63 -3.66 7.84
CA PRO B 129 -37.63 -4.28 6.96
C PRO B 129 -38.24 -5.39 6.13
N SER B 130 -37.78 -5.51 4.90
CA SER B 130 -37.93 -6.76 4.17
C SER B 130 -36.71 -7.60 4.57
N VAL B 131 -36.97 -8.84 4.98
CA VAL B 131 -35.97 -9.77 5.47
C VAL B 131 -35.95 -11.00 4.58
N TYR B 132 -34.80 -11.24 3.96
CA TYR B 132 -34.64 -12.34 3.04
C TYR B 132 -33.59 -13.32 3.56
N PRO B 133 -33.90 -14.63 3.52
CA PRO B 133 -32.92 -15.65 3.93
C PRO B 133 -31.91 -15.91 2.82
N LEU B 134 -30.65 -16.11 3.17
CA LEU B 134 -29.61 -16.29 2.15
C LEU B 134 -28.99 -17.67 2.26
N ALA B 135 -29.48 -18.58 1.42
CA ALA B 135 -29.04 -19.96 1.40
C ALA B 135 -27.83 -20.08 0.48
N PRO B 136 -26.95 -21.04 0.77
CA PRO B 136 -25.78 -21.26 -0.07
C PRO B 136 -26.23 -21.51 -1.49
N VAL B 137 -25.38 -21.15 -2.44
CA VAL B 137 -25.62 -21.42 -3.86
C VAL B 137 -26.22 -22.82 -4.03
N CYS B 138 -27.12 -22.94 -5.00
CA CYS B 138 -27.73 -24.20 -5.40
C CYS B 138 -26.64 -25.13 -5.98
N GLY B 139 -25.73 -25.55 -5.11
CA GLY B 139 -24.58 -26.39 -5.47
C GLY B 139 -24.29 -27.46 -4.44
N ASP B 140 -23.10 -28.04 -4.51
CA ASP B 140 -22.74 -29.17 -3.63
C ASP B 140 -21.35 -29.04 -3.01
N THR B 141 -21.15 -28.00 -2.19
CA THR B 141 -19.89 -27.79 -1.49
C THR B 141 -19.73 -28.79 -0.34
N THR B 142 -18.52 -29.32 -0.20
CA THR B 142 -18.25 -30.41 0.74
C THR B 142 -17.46 -29.99 1.99
N GLY B 143 -17.44 -28.69 2.28
CA GLY B 143 -16.68 -28.15 3.42
C GLY B 143 -17.17 -28.58 4.79
N SER B 144 -16.32 -28.40 5.81
CA SER B 144 -16.63 -28.78 7.19
C SER B 144 -17.64 -27.82 7.84
N SER B 145 -17.57 -26.56 7.42
CA SER B 145 -18.44 -25.53 7.91
C SER B 145 -19.14 -24.86 6.73
N VAL B 146 -20.28 -24.23 6.99
CA VAL B 146 -21.10 -23.65 5.93
C VAL B 146 -21.49 -22.20 6.29
N THR B 147 -21.48 -21.30 5.31
CA THR B 147 -21.88 -19.91 5.59
C THR B 147 -23.27 -19.61 5.03
N LEU B 148 -24.12 -19.09 5.91
CA LEU B 148 -25.47 -18.65 5.54
C LEU B 148 -25.61 -17.15 5.76
N GLY B 149 -26.64 -16.57 5.18
CA GLY B 149 -26.81 -15.13 5.30
C GLY B 149 -28.24 -14.70 5.51
N CYS B 150 -28.38 -13.40 5.75
CA CYS B 150 -29.66 -12.79 6.01
C CYS B 150 -29.61 -11.32 5.64
N LEU B 151 -30.47 -10.94 4.69
CA LEU B 151 -30.52 -9.59 4.14
C LEU B 151 -31.72 -8.81 4.64
N VAL B 152 -31.45 -7.64 5.23
CA VAL B 152 -32.47 -6.80 5.85
C VAL B 152 -32.55 -5.47 5.08
N LYS B 153 -33.56 -5.32 4.26
CA LYS B 153 -33.56 -4.30 3.24
C LYS B 153 -34.76 -3.37 3.35
N GLY B 154 -34.50 -2.07 3.29
CA GLY B 154 -35.53 -1.06 3.07
C GLY B 154 -36.28 -0.66 4.32
N TYR B 155 -35.55 -0.35 5.38
CA TYR B 155 -36.15 0.09 6.64
C TYR B 155 -35.78 1.51 7.06
N PHE B 156 -36.69 2.16 7.78
CA PHE B 156 -36.46 3.40 8.47
C PHE B 156 -37.29 3.46 9.75
N PRO B 157 -36.70 3.96 10.85
CA PRO B 157 -35.31 4.33 11.06
C PRO B 157 -34.47 3.17 11.55
N GLU B 158 -33.20 3.44 11.86
CA GLU B 158 -32.40 2.54 12.67
C GLU B 158 -32.87 2.65 14.13
N PRO B 159 -32.61 1.64 14.97
CA PRO B 159 -31.87 0.41 14.70
C PRO B 159 -32.74 -0.76 14.26
N VAL B 160 -32.05 -1.82 13.87
CA VAL B 160 -32.61 -3.14 13.77
C VAL B 160 -31.76 -3.98 14.71
N THR B 161 -32.34 -5.03 15.27
CA THR B 161 -31.57 -6.04 16.00
C THR B 161 -31.68 -7.35 15.23
N LEU B 162 -30.56 -8.07 15.12
CA LEU B 162 -30.52 -9.32 14.38
C LEU B 162 -29.78 -10.40 15.17
N THR B 163 -30.50 -11.47 15.51
CA THR B 163 -29.96 -12.64 16.17
C THR B 163 -30.11 -13.85 15.28
N TRP B 164 -29.51 -14.95 15.71
CA TRP B 164 -29.69 -16.25 15.07
C TRP B 164 -30.12 -17.29 16.11
N ASN B 165 -31.02 -18.18 15.71
CA ASN B 165 -31.66 -19.10 16.63
C ASN B 165 -31.93 -18.46 17.99
N SER B 166 -32.59 -17.31 17.94
CA SER B 166 -33.04 -16.57 19.13
C SER B 166 -31.91 -16.16 20.07
N GLY B 167 -30.76 -15.81 19.48
CA GLY B 167 -29.60 -15.36 20.24
C GLY B 167 -28.73 -16.51 20.72
N SER B 168 -29.19 -17.75 20.51
CA SER B 168 -28.45 -18.93 20.96
C SER B 168 -27.46 -19.45 19.92
N LEU B 169 -27.46 -18.85 18.73
CA LEU B 169 -26.37 -19.02 17.76
C LEU B 169 -25.63 -17.69 17.68
N SER B 170 -24.44 -17.66 18.28
CA SER B 170 -23.76 -16.41 18.62
C SER B 170 -22.43 -16.18 17.92
N SER B 171 -21.63 -17.23 17.79
CA SER B 171 -20.30 -17.12 17.19
C SER B 171 -20.31 -17.59 15.73
N GLY B 172 -19.31 -17.17 14.97
CA GLY B 172 -19.29 -17.37 13.53
C GLY B 172 -20.14 -16.32 12.81
N VAL B 173 -20.58 -15.32 13.58
CA VAL B 173 -21.54 -14.30 13.14
C VAL B 173 -20.82 -12.98 12.86
N HIS B 174 -21.07 -12.45 11.66
CA HIS B 174 -20.69 -11.09 11.27
C HIS B 174 -21.95 -10.33 10.86
N THR B 175 -22.33 -9.33 11.65
CA THR B 175 -23.49 -8.53 11.32
C THR B 175 -22.99 -7.15 10.97
N PHE B 176 -23.25 -6.71 9.75
CA PHE B 176 -22.60 -5.51 9.20
C PHE B 176 -23.36 -4.21 9.51
N PRO B 177 -22.64 -3.07 9.61
CA PRO B 177 -23.30 -1.78 9.87
C PRO B 177 -24.27 -1.48 8.76
N ALA B 178 -25.40 -0.88 9.11
CA ALA B 178 -26.38 -0.51 8.12
C ALA B 178 -25.79 0.52 7.14
N VAL B 179 -26.25 0.47 5.90
CA VAL B 179 -25.92 1.48 4.90
C VAL B 179 -27.24 2.05 4.33
N LEU B 180 -27.19 3.33 3.94
CA LEU B 180 -28.39 4.07 3.58
C LEU B 180 -28.62 4.13 2.07
N GLN B 181 -29.41 3.18 1.54
CA GLN B 181 -29.94 3.10 0.23
C GLN B 181 -31.17 3.99 0.03
N SER B 182 -30.97 5.25 -0.32
CA SER B 182 -32.03 6.06 -0.89
C SER B 182 -33.11 6.44 0.13
N ASP B 183 -32.71 7.05 1.24
CA ASP B 183 -33.60 7.26 2.37
C ASP B 183 -33.78 6.03 3.26
N LEU B 184 -33.55 4.86 2.71
CA LEU B 184 -33.82 3.63 3.43
C LEU B 184 -32.57 2.88 3.80
N TYR B 185 -32.60 2.18 4.92
CA TYR B 185 -31.45 1.45 5.39
C TYR B 185 -31.50 -0.01 5.00
N THR B 186 -30.31 -0.60 4.93
CA THR B 186 -30.12 -2.01 4.64
C THR B 186 -28.91 -2.50 5.42
N LEU B 187 -29.01 -3.72 5.95
CA LEU B 187 -27.86 -4.44 6.47
C LEU B 187 -27.99 -5.94 6.20
N SER B 188 -26.91 -6.65 6.48
CA SER B 188 -26.84 -8.10 6.29
C SER B 188 -26.02 -8.71 7.41
N SER B 189 -26.19 -10.03 7.59
CA SER B 189 -25.47 -10.78 8.59
C SER B 189 -25.14 -12.15 8.03
N SER B 190 -23.97 -12.69 8.40
CA SER B 190 -23.62 -14.07 8.07
C SER B 190 -23.43 -14.91 9.32
N VAL B 191 -23.72 -16.21 9.20
CA VAL B 191 -23.28 -17.23 10.18
C VAL B 191 -22.51 -18.29 9.45
N THR B 192 -21.45 -18.76 10.11
CA THR B 192 -20.72 -19.95 9.71
C THR B 192 -20.93 -21.01 10.80
N VAL B 193 -21.53 -22.14 10.42
CA VAL B 193 -21.77 -23.26 11.31
C VAL B 193 -21.17 -24.53 10.69
N THR B 194 -21.25 -25.66 11.39
CA THR B 194 -20.76 -26.93 10.85
C THR B 194 -21.77 -27.53 9.88
N SER B 195 -21.28 -28.15 8.80
CA SER B 195 -22.14 -28.83 7.83
C SER B 195 -23.03 -29.94 8.43
N SER B 196 -22.59 -30.52 9.55
CA SER B 196 -23.42 -31.48 10.29
C SER B 196 -24.56 -30.78 11.04
N THR B 197 -24.40 -29.47 11.27
CA THR B 197 -25.43 -28.65 11.90
C THR B 197 -26.57 -28.32 10.91
N TRP B 198 -26.19 -27.92 9.70
CA TRP B 198 -27.16 -27.39 8.73
C TRP B 198 -27.09 -28.06 7.35
N PRO B 199 -28.26 -28.40 6.76
CA PRO B 199 -29.65 -28.18 7.20
C PRO B 199 -30.21 -29.12 8.27
N SER B 200 -29.39 -30.03 8.79
CA SER B 200 -29.82 -31.03 9.78
C SER B 200 -30.57 -30.40 10.95
N GLN B 201 -30.24 -29.16 11.28
CA GLN B 201 -30.94 -28.40 12.31
C GLN B 201 -31.42 -27.05 11.78
N SER B 202 -32.26 -26.38 12.56
CA SER B 202 -32.89 -25.13 12.14
C SER B 202 -32.03 -23.93 12.46
N ILE B 203 -31.67 -23.18 11.42
CA ILE B 203 -31.07 -21.87 11.62
C ILE B 203 -32.06 -20.84 11.09
N THR B 204 -32.51 -19.97 11.99
CA THR B 204 -33.37 -18.88 11.57
C THR B 204 -32.83 -17.51 11.99
N CYS B 205 -32.91 -16.58 11.04
CA CYS B 205 -32.54 -15.19 11.25
C CYS B 205 -33.71 -14.48 11.94
N ASN B 206 -33.45 -13.79 13.05
CA ASN B 206 -34.48 -13.06 13.79
C ASN B 206 -34.21 -11.58 13.76
N VAL B 207 -35.16 -10.82 13.22
CA VAL B 207 -34.98 -9.39 13.00
C VAL B 207 -36.11 -8.66 13.69
N ALA B 208 -35.75 -7.74 14.58
CA ALA B 208 -36.70 -6.81 15.19
C ALA B 208 -36.37 -5.39 14.76
N HIS B 209 -37.40 -4.70 14.28
CA HIS B 209 -37.35 -3.27 14.03
C HIS B 209 -38.32 -2.60 15.02
N PRO B 210 -37.84 -2.24 16.23
CA PRO B 210 -38.65 -1.67 17.31
C PRO B 210 -39.54 -0.52 16.85
N ALA B 211 -38.93 0.47 16.19
CA ALA B 211 -39.61 1.66 15.72
C ALA B 211 -40.93 1.41 15.00
N SER B 212 -41.05 0.25 14.37
CA SER B 212 -42.26 -0.13 13.66
C SER B 212 -42.94 -1.34 14.28
N SER B 213 -42.42 -1.77 15.43
CA SER B 213 -42.98 -2.89 16.19
C SER B 213 -43.11 -4.17 15.37
N THR B 214 -42.06 -4.46 14.59
CA THR B 214 -42.02 -5.68 13.81
C THR B 214 -40.94 -6.64 14.30
N LYS B 215 -41.29 -7.91 14.28
CA LYS B 215 -40.35 -8.98 14.45
C LYS B 215 -40.58 -9.91 13.27
N VAL B 216 -39.48 -10.34 12.67
CA VAL B 216 -39.51 -11.23 11.53
C VAL B 216 -38.56 -12.35 11.84
N ASP B 217 -39.01 -13.57 11.57
CA ASP B 217 -38.14 -14.71 11.63
C ASP B 217 -38.08 -15.22 10.22
N LYS B 218 -36.88 -15.62 9.79
CA LYS B 218 -36.68 -16.13 8.46
C LYS B 218 -35.76 -17.32 8.54
N LYS B 219 -36.31 -18.49 8.25
CA LYS B 219 -35.58 -19.73 8.32
C LYS B 219 -34.75 -19.86 7.06
N ILE B 220 -33.49 -20.23 7.23
CA ILE B 220 -32.63 -20.41 6.07
C ILE B 220 -32.95 -21.80 5.56
N GLU B 221 -33.36 -21.88 4.30
CA GLU B 221 -33.75 -23.17 3.76
C GLU B 221 -33.12 -23.47 2.43
N PRO B 222 -32.60 -24.69 2.26
CA PRO B 222 -31.88 -25.01 1.04
C PRO B 222 -32.65 -24.55 -0.21
N ARG B 223 -31.92 -24.02 -1.18
CA ARG B 223 -32.51 -23.57 -2.42
C ARG B 223 -33.01 -24.77 -3.21
N GLY B 224 -33.91 -24.53 -4.15
CA GLY B 224 -34.32 -25.54 -5.11
C GLY B 224 -33.61 -25.28 -6.42
N PRO B 225 -33.90 -26.10 -7.46
CA PRO B 225 -33.29 -25.85 -8.78
C PRO B 225 -33.92 -24.65 -9.48
N THR B 226 -35.14 -24.30 -9.06
CA THR B 226 -35.86 -23.11 -9.52
C THR B 226 -36.12 -22.21 -8.32
N ASP C 1 21.47 6.20 11.84
CA ASP C 1 21.46 7.11 10.66
C ASP C 1 20.05 7.58 10.36
N VAL C 2 19.91 8.67 9.60
CA VAL C 2 18.59 9.13 9.16
C VAL C 2 18.05 8.13 8.15
N MET C 3 16.89 7.59 8.46
CA MET C 3 16.27 6.56 7.66
C MET C 3 15.24 7.19 6.76
N MET C 4 15.39 6.99 5.46
CA MET C 4 14.46 7.58 4.50
C MET C 4 13.51 6.51 3.96
N THR C 5 12.26 6.57 4.39
CA THR C 5 11.27 5.58 3.99
C THR C 5 10.33 6.18 2.96
N GLN C 6 10.36 5.60 1.77
CA GLN C 6 9.65 6.12 0.60
C GLN C 6 8.45 5.24 0.34
N THR C 7 7.31 5.85 0.04
CA THR C 7 6.12 5.05 -0.27
C THR C 7 5.30 5.67 -1.42
N PRO C 8 4.72 4.81 -2.29
CA PRO C 8 4.87 3.37 -2.42
C PRO C 8 6.24 3.03 -3.01
N LEU C 9 6.58 1.74 -3.08
CA LEU C 9 7.84 1.33 -3.72
C LEU C 9 7.66 1.23 -5.23
N SER C 10 6.42 1.00 -5.64
CA SER C 10 6.05 0.87 -7.05
C SER C 10 4.76 1.64 -7.31
N LEU C 11 4.77 2.46 -8.35
CA LEU C 11 3.58 3.23 -8.76
C LEU C 11 3.30 3.09 -10.25
N PRO C 12 2.40 2.15 -10.60
CA PRO C 12 1.90 2.01 -11.96
C PRO C 12 1.05 3.21 -12.38
N VAL C 13 1.47 3.85 -13.48
CA VAL C 13 0.87 5.08 -13.96
C VAL C 13 0.43 5.02 -15.43
N SER C 14 -0.66 5.71 -15.76
CA SER C 14 -0.98 6.00 -17.16
C SER C 14 -0.36 7.33 -17.52
N LEU C 15 0.05 7.48 -18.78
CA LEU C 15 0.60 8.73 -19.24
C LEU C 15 -0.48 9.79 -19.15
N GLY C 16 -0.18 10.88 -18.45
CA GLY C 16 -1.17 11.93 -18.19
C GLY C 16 -1.70 11.93 -16.78
N ASP C 17 -1.46 10.84 -16.04
CA ASP C 17 -1.91 10.73 -14.63
C ASP C 17 -1.18 11.73 -13.71
N GLN C 18 -1.79 12.03 -12.58
CA GLN C 18 -1.12 12.74 -11.49
C GLN C 18 -0.36 11.70 -10.68
N ALA C 19 0.82 12.05 -10.17
CA ALA C 19 1.60 11.11 -9.39
C ALA C 19 1.97 11.68 -8.02
N SER C 20 1.76 10.88 -6.98
CA SER C 20 2.16 11.24 -5.62
C SER C 20 3.12 10.20 -5.03
N ILE C 21 4.22 10.69 -4.46
CA ILE C 21 5.22 9.83 -3.82
C ILE C 21 5.59 10.38 -2.43
N SER C 22 5.45 9.55 -1.41
CA SER C 22 5.71 9.96 -0.01
C SER C 22 7.11 9.59 0.46
N CYS C 23 7.70 10.46 1.28
CA CYS C 23 8.98 10.19 1.90
C CYS C 23 9.03 10.70 3.35
N ARG C 24 9.34 9.80 4.29
CA ARG C 24 9.43 10.13 5.72
C ARG C 24 10.82 9.86 6.33
N SER C 25 11.39 10.88 6.96
CA SER C 25 12.67 10.76 7.67
C SER C 25 12.47 10.38 9.14
N SER C 26 13.42 9.61 9.67
CA SER C 26 13.36 9.14 11.06
C SER C 26 13.62 10.23 12.09
N GLN C 27 14.13 11.38 11.62
CA GLN C 27 14.34 12.57 12.47
C GLN C 27 14.24 13.85 11.65
N SER C 28 14.18 15.00 12.32
CA SER C 28 14.00 16.30 11.66
C SER C 28 15.21 16.70 10.79
N LEU C 29 14.93 17.42 9.71
CA LEU C 29 15.94 17.72 8.70
C LEU C 29 16.35 19.20 8.64
N VAL C 30 15.90 19.98 9.62
CA VAL C 30 16.26 21.39 9.73
C VAL C 30 17.44 21.52 10.69
N HIS C 31 18.37 22.41 10.34
CA HIS C 31 19.60 22.64 11.11
C HIS C 31 19.36 23.55 12.34
N SER C 32 20.43 24.17 12.81
CA SER C 32 20.30 25.28 13.77
C SER C 32 19.74 26.48 12.99
N ASN C 33 20.09 26.54 11.71
CA ASN C 33 19.49 27.47 10.76
C ASN C 33 18.16 26.90 10.27
N GLY C 34 17.31 27.77 9.72
CA GLY C 34 15.97 27.38 9.26
C GLY C 34 15.89 26.80 7.86
N ASN C 35 16.92 26.05 7.47
CA ASN C 35 16.94 25.36 6.19
C ASN C 35 16.73 23.86 6.36
N THR C 36 15.70 23.33 5.72
CA THR C 36 15.49 21.89 5.62
C THR C 36 16.12 21.39 4.33
N TYR C 37 16.81 20.25 4.38
CA TYR C 37 17.49 19.72 3.20
C TYR C 37 16.92 18.38 2.72
N LEU C 38 15.78 18.45 2.04
CA LEU C 38 15.09 17.30 1.49
C LEU C 38 15.06 17.40 -0.04
N GLU C 39 15.61 16.38 -0.70
CA GLU C 39 15.74 16.41 -2.15
C GLU C 39 15.05 15.26 -2.80
N TRP C 40 14.93 15.37 -4.12
CA TRP C 40 14.33 14.34 -4.94
C TRP C 40 15.17 14.24 -6.19
N TYR C 41 15.61 13.02 -6.47
CA TYR C 41 16.39 12.71 -7.65
C TYR C 41 15.57 11.74 -8.45
N MET C 42 15.84 11.68 -9.75
CA MET C 42 15.30 10.59 -10.54
C MET C 42 16.40 9.88 -11.32
N GLN C 43 16.12 8.65 -11.70
CA GLN C 43 17.07 7.84 -12.44
C GLN C 43 16.34 7.02 -13.48
N LYS C 44 16.59 7.34 -14.74
CA LYS C 44 16.05 6.59 -15.87
C LYS C 44 16.86 5.30 -16.07
N PRO C 45 16.22 4.27 -16.69
CA PRO C 45 16.67 2.91 -17.01
C PRO C 45 18.17 2.55 -16.99
N GLY C 46 19.02 3.33 -17.69
CA GLY C 46 20.46 3.01 -17.73
C GLY C 46 21.38 4.18 -17.49
N GLN C 47 20.87 5.22 -16.82
CA GLN C 47 21.58 6.48 -16.64
C GLN C 47 21.86 6.78 -15.17
N SER C 48 22.61 7.85 -14.93
CA SER C 48 22.93 8.29 -13.57
C SER C 48 21.74 9.01 -12.98
N PRO C 49 21.67 9.11 -11.63
CA PRO C 49 20.60 9.91 -11.02
C PRO C 49 20.68 11.38 -11.44
N MET C 50 19.53 12.06 -11.46
CA MET C 50 19.45 13.48 -11.77
C MET C 50 18.63 14.22 -10.72
N LEU C 51 19.08 15.42 -10.35
CA LEU C 51 18.41 16.31 -9.38
C LEU C 51 17.09 16.90 -9.90
N LEU C 52 16.03 16.79 -9.10
CA LEU C 52 14.71 17.28 -9.47
C LEU C 52 14.22 18.46 -8.63
N ILE C 53 14.06 18.22 -7.33
CA ILE C 53 13.53 19.18 -6.39
C ILE C 53 14.43 19.23 -5.17
N TYR C 54 14.66 20.42 -4.63
CA TYR C 54 15.46 20.58 -3.42
C TYR C 54 14.82 21.53 -2.41
N LYS C 55 15.28 21.44 -1.16
CA LYS C 55 14.67 22.14 -0.03
C LYS C 55 13.15 21.97 -0.05
N VAL C 56 12.74 20.71 -0.11
CA VAL C 56 11.32 20.30 -0.11
C VAL C 56 10.54 20.64 -1.39
N SER C 57 10.55 21.91 -1.79
CA SER C 57 9.60 22.41 -2.80
C SER C 57 10.23 23.00 -4.05
N ASN C 58 11.52 23.31 -3.99
CA ASN C 58 12.17 24.09 -5.04
C ASN C 58 12.71 23.27 -6.20
N ARG C 59 12.05 23.40 -7.36
CA ARG C 59 12.51 22.78 -8.60
C ARG C 59 13.90 23.26 -8.96
N PHE C 60 14.77 22.32 -9.33
CA PHE C 60 16.07 22.59 -9.93
C PHE C 60 15.80 23.24 -11.28
N SER C 61 16.76 24.00 -11.81
CA SER C 61 16.59 24.66 -13.11
C SER C 61 16.45 23.66 -14.25
N GLY C 62 15.36 23.81 -15.01
CA GLY C 62 15.07 22.94 -16.14
C GLY C 62 14.01 21.90 -15.82
N VAL C 63 13.68 21.77 -14.54
CA VAL C 63 12.65 20.84 -14.12
C VAL C 63 11.30 21.54 -14.30
N PRO C 64 10.35 20.89 -14.98
CA PRO C 64 9.10 21.52 -15.39
C PRO C 64 8.09 21.74 -14.27
N ASP C 65 7.14 22.65 -14.53
CA ASP C 65 6.00 22.94 -13.65
C ASP C 65 5.30 21.69 -13.11
N ARG C 66 5.33 20.60 -13.87
CA ARG C 66 4.59 19.38 -13.53
C ARG C 66 5.10 18.69 -12.25
N PHE C 67 6.39 18.86 -11.97
CA PHE C 67 7.00 18.35 -10.74
C PHE C 67 6.78 19.31 -9.56
N SER C 68 5.94 18.89 -8.61
CA SER C 68 5.67 19.66 -7.39
C SER C 68 6.07 18.88 -6.12
N GLY C 69 6.69 19.58 -5.17
CA GLY C 69 7.13 18.94 -3.91
C GLY C 69 6.66 19.70 -2.67
N SER C 70 6.17 18.96 -1.68
CA SER C 70 5.59 19.57 -0.48
C SER C 70 5.65 18.68 0.76
N GLY C 71 5.96 19.30 1.89
CA GLY C 71 6.00 18.60 3.18
C GLY C 71 6.84 19.36 4.20
N SER C 72 6.90 18.85 5.42
CA SER C 72 7.67 19.49 6.49
C SER C 72 8.09 18.49 7.57
N GLY C 73 9.36 18.56 7.95
CA GLY C 73 9.88 17.88 9.13
C GLY C 73 10.07 16.37 9.04
N THR C 74 9.02 15.66 8.64
CA THR C 74 9.01 14.20 8.69
C THR C 74 8.24 13.57 7.53
N ASP C 75 7.24 14.27 7.00
CA ASP C 75 6.42 13.72 5.93
C ASP C 75 6.38 14.62 4.70
N PHE C 76 6.97 14.12 3.61
CA PHE C 76 7.15 14.90 2.39
C PHE C 76 6.52 14.19 1.19
N THR C 77 6.04 14.98 0.24
CA THR C 77 5.34 14.44 -0.92
C THR C 77 5.95 15.01 -2.20
N LEU C 78 6.01 14.19 -3.23
CA LEU C 78 6.44 14.61 -4.56
C LEU C 78 5.31 14.34 -5.52
N LYS C 79 4.97 15.36 -6.29
CA LYS C 79 3.83 15.32 -7.18
C LYS C 79 4.26 15.63 -8.60
N ILE C 80 3.66 14.89 -9.54
CA ILE C 80 3.83 15.12 -10.97
C ILE C 80 2.41 15.26 -11.53
N SER C 81 2.15 16.37 -12.21
CA SER C 81 0.78 16.76 -12.59
C SER C 81 0.22 15.99 -13.77
N SER C 82 1.08 15.70 -14.74
CA SER C 82 0.74 14.77 -15.80
C SER C 82 1.99 14.00 -16.19
N VAL C 83 2.06 12.72 -15.84
CA VAL C 83 3.24 11.93 -16.18
C VAL C 83 3.41 11.89 -17.71
N GLU C 84 4.66 12.11 -18.10
CA GLU C 84 5.11 11.93 -19.48
C GLU C 84 5.98 10.68 -19.54
N ALA C 85 6.22 10.18 -20.75
CA ALA C 85 7.10 9.00 -20.94
C ALA C 85 8.47 9.21 -20.29
N GLU C 86 9.01 10.42 -20.38
CA GLU C 86 10.33 10.72 -19.86
C GLU C 86 10.41 10.71 -18.33
N ASP C 87 9.26 10.74 -17.66
CA ASP C 87 9.20 10.63 -16.19
C ASP C 87 9.29 9.17 -15.68
N LEU C 88 9.23 8.19 -16.59
CA LEU C 88 9.30 6.80 -16.17
C LEU C 88 10.70 6.39 -15.70
N GLY C 89 10.76 5.81 -14.51
CA GLY C 89 12.03 5.49 -13.87
C GLY C 89 11.92 5.45 -12.35
N VAL C 90 13.05 5.67 -11.68
CA VAL C 90 13.10 5.56 -10.22
C VAL C 90 13.34 6.93 -9.57
N PHE C 91 12.57 7.20 -8.53
CA PHE C 91 12.67 8.45 -7.79
C PHE C 91 13.22 8.19 -6.38
N TYR C 92 14.14 9.05 -5.96
CA TYR C 92 14.78 8.95 -4.65
C TYR C 92 14.69 10.27 -3.92
N CYS C 93 14.22 10.23 -2.68
CA CYS C 93 14.37 11.34 -1.75
C CYS C 93 15.72 11.22 -1.06
N PHE C 94 16.25 12.35 -0.57
CA PHE C 94 17.62 12.43 -0.03
C PHE C 94 17.71 13.44 1.12
N GLN C 95 18.46 13.09 2.18
CA GLN C 95 18.83 14.03 3.24
C GLN C 95 20.32 14.36 3.19
N GLY C 96 20.63 15.65 3.21
CA GLY C 96 22.01 16.11 3.26
C GLY C 96 22.38 16.84 4.53
N SER C 97 21.45 16.87 5.47
CA SER C 97 21.63 17.54 6.76
C SER C 97 22.74 16.91 7.61
N ARG C 98 22.58 15.61 7.88
CA ARG C 98 23.48 14.90 8.78
C ARG C 98 24.24 13.80 8.05
N VAL C 99 25.53 13.72 8.37
CA VAL C 99 26.38 12.61 7.96
C VAL C 99 25.99 11.37 8.77
N PRO C 100 25.78 10.23 8.07
CA PRO C 100 25.94 10.07 6.63
C PRO C 100 24.70 10.52 5.87
N LEU C 101 24.94 11.26 4.79
CA LEU C 101 23.88 11.65 3.88
C LEU C 101 23.27 10.34 3.37
N THR C 102 21.94 10.25 3.40
CA THR C 102 21.26 9.04 3.00
C THR C 102 20.18 9.26 1.92
N PHE C 103 19.90 8.20 1.18
CA PHE C 103 18.85 8.20 0.16
C PHE C 103 17.74 7.27 0.61
N GLY C 104 16.53 7.50 0.08
CA GLY C 104 15.49 6.49 0.16
C GLY C 104 15.85 5.33 -0.76
N ALA C 105 15.06 4.26 -0.69
CA ALA C 105 15.35 3.05 -1.46
C ALA C 105 14.81 3.13 -2.89
N GLY C 106 13.94 4.11 -3.14
CA GLY C 106 13.41 4.36 -4.48
C GLY C 106 11.97 3.96 -4.71
N THR C 107 11.25 4.78 -5.48
CA THR C 107 9.90 4.49 -5.96
C THR C 107 9.95 4.37 -7.48
N LYS C 108 9.50 3.22 -7.98
CA LYS C 108 9.49 2.94 -9.41
C LYS C 108 8.17 3.35 -10.07
N LEU C 109 8.25 4.43 -10.85
CA LEU C 109 7.16 4.83 -11.73
C LEU C 109 7.16 3.94 -12.96
N GLU C 110 6.13 3.10 -13.07
CA GLU C 110 6.01 2.18 -14.20
C GLU C 110 4.72 2.44 -14.96
N LEU C 111 4.66 1.90 -16.18
CA LEU C 111 3.53 2.09 -17.08
C LEU C 111 2.41 1.10 -16.88
N LYS C 112 1.19 1.63 -16.89
CA LYS C 112 0.00 0.83 -16.72
C LYS C 112 -0.48 0.30 -18.06
N ARG C 113 -1.10 -0.88 -18.04
CA ARG C 113 -1.76 -1.40 -19.22
C ARG C 113 -2.77 -2.42 -18.75
N ALA C 114 -3.46 -3.06 -19.69
CA ALA C 114 -4.41 -4.11 -19.36
C ALA C 114 -3.70 -5.36 -18.88
N ASP C 115 -4.36 -6.08 -17.97
CA ASP C 115 -3.83 -7.31 -17.40
C ASP C 115 -3.58 -8.33 -18.52
N ALA C 116 -2.40 -8.95 -18.49
CA ALA C 116 -2.08 -9.98 -19.48
C ALA C 116 -1.59 -11.20 -18.74
N ALA C 117 -2.05 -12.37 -19.20
CA ALA C 117 -1.69 -13.63 -18.57
C ALA C 117 -0.32 -14.06 -19.09
N PRO C 118 0.51 -14.68 -18.22
CA PRO C 118 1.80 -15.16 -18.71
C PRO C 118 1.65 -16.37 -19.61
N THR C 119 2.50 -16.43 -20.64
CA THR C 119 2.68 -17.65 -21.41
C THR C 119 3.81 -18.41 -20.73
N VAL C 120 3.51 -19.63 -20.30
CA VAL C 120 4.41 -20.48 -19.51
C VAL C 120 4.98 -21.62 -20.36
N SER C 121 6.30 -21.76 -20.32
CA SER C 121 6.98 -22.87 -20.99
C SER C 121 7.97 -23.52 -20.06
N ILE C 122 7.84 -24.84 -19.93
CA ILE C 122 8.76 -25.63 -19.12
C ILE C 122 9.74 -26.36 -20.06
N PHE C 123 10.97 -26.54 -19.59
CA PHE C 123 12.01 -27.23 -20.34
C PHE C 123 12.81 -28.17 -19.45
N PRO C 124 12.78 -29.48 -19.76
CA PRO C 124 13.61 -30.44 -19.01
C PRO C 124 15.10 -30.19 -19.27
N PRO C 125 15.99 -30.75 -18.43
CA PRO C 125 17.42 -30.65 -18.72
C PRO C 125 17.78 -31.08 -20.13
N SER C 126 18.69 -30.35 -20.75
CA SER C 126 19.27 -30.79 -21.99
C SER C 126 20.03 -32.10 -21.76
N SER C 127 20.04 -32.98 -22.76
CA SER C 127 20.82 -34.23 -22.65
C SER C 127 22.30 -33.92 -22.45
N GLU C 128 22.74 -32.83 -23.06
CA GLU C 128 24.10 -32.36 -22.94
C GLU C 128 24.48 -32.03 -21.51
N GLN C 129 23.58 -31.35 -20.78
CA GLN C 129 23.84 -30.97 -19.39
C GLN C 129 23.86 -32.21 -18.50
N LEU C 130 22.93 -33.13 -18.78
CA LEU C 130 22.82 -34.36 -18.03
C LEU C 130 24.14 -35.13 -18.07
N THR C 131 24.71 -35.29 -19.26
CA THR C 131 26.00 -35.97 -19.42
C THR C 131 27.09 -35.40 -18.51
N SER C 132 27.06 -34.09 -18.27
CA SER C 132 28.03 -33.42 -17.41
C SER C 132 27.73 -33.51 -15.91
N GLY C 133 26.56 -34.04 -15.53
CA GLY C 133 26.24 -34.28 -14.12
C GLY C 133 25.23 -33.36 -13.44
N GLY C 134 24.72 -32.37 -14.18
CA GLY C 134 23.78 -31.38 -13.62
C GLY C 134 22.39 -31.49 -14.24
N ALA C 135 21.38 -31.04 -13.50
CA ALA C 135 20.01 -31.07 -14.00
C ALA C 135 19.30 -29.76 -13.70
N SER C 136 19.18 -28.94 -14.73
CA SER C 136 18.46 -27.68 -14.65
C SER C 136 17.12 -27.79 -15.36
N VAL C 137 16.06 -27.55 -14.62
CA VAL C 137 14.70 -27.52 -15.17
C VAL C 137 14.32 -26.05 -15.28
N VAL C 138 13.99 -25.61 -16.50
CA VAL C 138 13.77 -24.19 -16.74
C VAL C 138 12.34 -23.86 -17.15
N CYS C 139 11.84 -22.76 -16.58
CA CYS C 139 10.48 -22.31 -16.81
C CYS C 139 10.45 -20.85 -17.20
N PHE C 140 9.96 -20.58 -18.40
CA PHE C 140 9.72 -19.21 -18.85
C PHE C 140 8.26 -18.81 -18.65
N LEU C 141 8.05 -17.63 -18.07
CA LEU C 141 6.71 -17.08 -17.83
C LEU C 141 6.75 -15.68 -18.42
N ASN C 142 6.19 -15.54 -19.62
CA ASN C 142 6.48 -14.41 -20.52
C ASN C 142 5.27 -13.54 -20.83
N ASN C 143 5.52 -12.23 -20.91
CA ASN C 143 4.53 -11.23 -21.34
C ASN C 143 3.27 -11.20 -20.51
N PHE C 144 3.44 -10.85 -19.24
CA PHE C 144 2.34 -10.75 -18.31
C PHE C 144 2.26 -9.35 -17.70
N TYR C 145 1.08 -9.03 -17.20
CA TYR C 145 0.85 -7.78 -16.48
C TYR C 145 -0.31 -8.07 -15.52
N PRO C 146 -0.20 -7.61 -14.27
CA PRO C 146 0.88 -6.83 -13.66
C PRO C 146 2.14 -7.62 -13.32
N LYS C 147 3.17 -6.93 -12.85
CA LYS C 147 4.50 -7.53 -12.64
C LYS C 147 4.51 -8.57 -11.53
N ASP C 148 3.58 -8.45 -10.58
CA ASP C 148 3.52 -9.35 -9.42
C ASP C 148 3.10 -10.73 -9.82
N ILE C 149 3.93 -11.70 -9.48
CA ILE C 149 3.74 -13.10 -9.87
C ILE C 149 4.49 -13.97 -8.85
N ASN C 150 4.05 -15.22 -8.73
CA ASN C 150 4.66 -16.14 -7.79
C ASN C 150 4.81 -17.49 -8.42
N VAL C 151 6.00 -18.06 -8.26
CA VAL C 151 6.33 -19.32 -8.91
C VAL C 151 6.63 -20.35 -7.84
N LYS C 152 6.13 -21.56 -8.03
CA LYS C 152 6.55 -22.65 -7.17
C LYS C 152 6.73 -23.90 -7.99
N TRP C 153 7.80 -24.62 -7.65
CA TRP C 153 8.10 -25.89 -8.27
C TRP C 153 7.53 -26.98 -7.38
N LYS C 154 7.08 -28.05 -8.03
CA LYS C 154 6.57 -29.22 -7.34
C LYS C 154 7.18 -30.42 -8.02
N ILE C 155 7.81 -31.29 -7.23
CA ILE C 155 8.44 -32.51 -7.74
C ILE C 155 7.62 -33.71 -7.29
N ASP C 156 7.10 -34.47 -8.26
CA ASP C 156 6.15 -35.57 -7.98
C ASP C 156 5.05 -35.11 -7.01
N GLY C 157 4.41 -33.98 -7.34
CA GLY C 157 3.37 -33.40 -6.50
C GLY C 157 3.77 -32.76 -5.19
N SER C 158 5.06 -32.77 -4.86
CA SER C 158 5.55 -32.16 -3.60
C SER C 158 6.43 -30.93 -3.87
N GLU C 159 6.26 -29.89 -3.05
CA GLU C 159 6.94 -28.60 -3.27
C GLU C 159 8.44 -28.59 -2.93
N ARG C 160 9.22 -28.01 -3.84
CA ARG C 160 10.67 -27.85 -3.67
C ARG C 160 11.04 -26.38 -3.76
N GLN C 161 11.67 -25.86 -2.72
CA GLN C 161 12.16 -24.47 -2.76
C GLN C 161 13.68 -24.29 -2.89
N ASN C 162 14.45 -25.33 -2.53
CA ASN C 162 15.91 -25.30 -2.67
C ASN C 162 16.37 -25.49 -4.11
N GLY C 163 17.36 -24.70 -4.52
CA GLY C 163 17.94 -24.81 -5.86
C GLY C 163 17.23 -23.99 -6.91
N VAL C 164 16.29 -23.14 -6.47
CA VAL C 164 15.51 -22.30 -7.39
C VAL C 164 16.17 -20.94 -7.60
N LEU C 165 16.38 -20.59 -8.86
CA LEU C 165 16.99 -19.32 -9.20
C LEU C 165 16.03 -18.59 -10.13
N ASN C 166 15.59 -17.39 -9.74
CA ASN C 166 14.69 -16.60 -10.58
C ASN C 166 15.34 -15.35 -11.15
N SER C 167 14.86 -14.93 -12.31
CA SER C 167 15.29 -13.68 -12.92
C SER C 167 14.12 -12.99 -13.63
N TRP C 168 14.03 -11.67 -13.50
CA TRP C 168 12.90 -10.88 -14.02
C TRP C 168 13.42 -9.82 -14.96
N THR C 169 12.73 -9.61 -16.07
CA THR C 169 13.04 -8.49 -16.96
C THR C 169 12.44 -7.21 -16.41
N ASP C 170 12.95 -6.07 -16.87
CA ASP C 170 12.29 -4.81 -16.61
C ASP C 170 11.10 -4.70 -17.55
N GLN C 171 10.20 -3.77 -17.27
CA GLN C 171 9.06 -3.54 -18.12
C GLN C 171 9.49 -3.37 -19.57
N ASP C 172 8.78 -4.03 -20.47
CA ASP C 172 9.13 -4.01 -21.88
C ASP C 172 8.72 -2.68 -22.54
N SER C 173 9.61 -2.15 -23.37
CA SER C 173 9.44 -0.86 -24.06
C SER C 173 8.27 -0.80 -25.04
N LYS C 174 7.92 -1.91 -25.66
CA LYS C 174 6.85 -1.89 -26.66
C LYS C 174 5.47 -2.37 -26.21
N ASP C 175 5.40 -3.41 -25.39
CA ASP C 175 4.12 -3.99 -24.99
C ASP C 175 3.77 -3.81 -23.50
N SER C 176 4.68 -3.20 -22.74
CA SER C 176 4.47 -2.83 -21.34
C SER C 176 4.36 -4.01 -20.37
N THR C 177 4.69 -5.21 -20.84
CA THR C 177 4.59 -6.42 -20.04
C THR C 177 5.91 -6.74 -19.33
N TYR C 178 5.88 -7.85 -18.61
CA TYR C 178 7.00 -8.32 -17.80
C TYR C 178 7.19 -9.78 -18.15
N SER C 179 8.40 -10.26 -17.91
CA SER C 179 8.70 -11.67 -18.09
C SER C 179 9.59 -12.13 -16.96
N MET C 180 9.68 -13.45 -16.79
CA MET C 180 10.41 -14.05 -15.70
C MET C 180 10.91 -15.41 -16.16
N SER C 181 12.07 -15.79 -15.64
CA SER C 181 12.67 -17.09 -15.85
C SER C 181 12.94 -17.69 -14.49
N SER C 182 12.59 -18.97 -14.33
CA SER C 182 12.75 -19.68 -13.06
C SER C 182 13.46 -20.98 -13.38
N THR C 183 14.63 -21.17 -12.78
CA THR C 183 15.43 -22.37 -13.01
C THR C 183 15.55 -23.15 -11.73
N LEU C 184 15.16 -24.41 -11.78
CA LEU C 184 15.41 -25.31 -10.66
C LEU C 184 16.63 -26.16 -11.02
N THR C 185 17.69 -26.05 -10.23
CA THR C 185 18.89 -26.82 -10.50
C THR C 185 19.05 -27.94 -9.49
N LEU C 186 19.11 -29.15 -10.03
CA LEU C 186 19.31 -30.38 -9.27
C LEU C 186 20.59 -31.08 -9.75
N THR C 187 21.06 -32.05 -8.98
CA THR C 187 22.06 -32.99 -9.50
C THR C 187 21.34 -33.88 -10.50
N LYS C 188 22.09 -34.37 -11.50
CA LYS C 188 21.59 -35.41 -12.40
C LYS C 188 20.98 -36.57 -11.60
N ASP C 189 21.68 -37.02 -10.55
CA ASP C 189 21.22 -38.12 -9.72
C ASP C 189 19.84 -37.84 -9.11
N GLU C 190 19.71 -36.73 -8.37
CA GLU C 190 18.41 -36.37 -7.82
C GLU C 190 17.30 -36.24 -8.87
N TYR C 191 17.62 -35.61 -10.01
CA TYR C 191 16.66 -35.51 -11.12
C TYR C 191 16.13 -36.87 -11.56
N GLU C 192 17.05 -37.82 -11.76
CA GLU C 192 16.70 -39.19 -12.14
C GLU C 192 15.85 -39.92 -11.09
N ARG C 193 15.84 -39.42 -9.86
CA ARG C 193 15.13 -40.07 -8.75
C ARG C 193 13.63 -39.75 -8.72
N HIS C 194 13.18 -38.89 -9.62
CA HIS C 194 11.80 -38.43 -9.62
C HIS C 194 11.24 -38.42 -11.04
N ASN C 195 9.93 -38.22 -11.17
CA ASN C 195 9.30 -38.32 -12.48
C ASN C 195 8.57 -37.06 -12.93
N SER C 196 7.75 -36.51 -12.04
CA SER C 196 6.88 -35.38 -12.36
C SER C 196 7.54 -34.05 -11.99
N TYR C 197 7.73 -33.19 -12.98
CA TYR C 197 8.31 -31.86 -12.74
C TYR C 197 7.35 -30.77 -13.17
N THR C 198 7.02 -29.87 -12.24
CA THR C 198 5.92 -28.90 -12.41
C THR C 198 6.33 -27.48 -12.07
N CYS C 199 6.03 -26.56 -12.99
CA CYS C 199 6.19 -25.12 -12.78
C CYS C 199 4.81 -24.45 -12.65
N GLU C 200 4.55 -23.88 -11.47
CA GLU C 200 3.24 -23.28 -11.13
C GLU C 200 3.37 -21.80 -10.81
N ALA C 201 2.55 -20.99 -11.47
CA ALA C 201 2.47 -19.55 -11.23
C ALA C 201 1.09 -19.13 -10.73
N THR C 202 1.06 -18.38 -9.62
CA THR C 202 -0.11 -17.58 -9.29
C THR C 202 0.08 -16.12 -9.73
N HIS C 203 -0.97 -15.61 -10.37
CA HIS C 203 -1.00 -14.30 -10.98
C HIS C 203 -2.46 -13.83 -10.96
N LYS C 204 -2.69 -12.51 -10.95
CA LYS C 204 -4.06 -12.00 -10.84
C LYS C 204 -5.00 -12.33 -12.01
N THR C 205 -4.43 -12.66 -13.17
CA THR C 205 -5.23 -13.02 -14.36
C THR C 205 -5.94 -14.38 -14.28
N SER C 206 -5.69 -15.13 -13.21
CA SER C 206 -6.37 -16.42 -13.04
C SER C 206 -6.62 -16.74 -11.58
N THR C 207 -7.84 -17.21 -11.31
CA THR C 207 -8.22 -17.64 -9.96
C THR C 207 -7.44 -18.91 -9.54
N SER C 208 -7.12 -19.74 -10.51
CA SER C 208 -6.39 -20.97 -10.24
C SER C 208 -5.01 -20.96 -10.93
N PRO C 209 -3.96 -21.34 -10.19
CA PRO C 209 -2.57 -21.44 -10.67
C PRO C 209 -2.44 -21.92 -12.11
N ILE C 210 -1.63 -21.22 -12.90
CA ILE C 210 -1.29 -21.66 -14.24
C ILE C 210 -0.08 -22.59 -14.11
N VAL C 211 -0.25 -23.83 -14.54
CA VAL C 211 0.80 -24.84 -14.38
C VAL C 211 1.28 -25.35 -15.74
N LYS C 212 2.57 -25.69 -15.78
CA LYS C 212 3.15 -26.46 -16.87
C LYS C 212 3.84 -27.63 -16.20
N SER C 213 3.84 -28.78 -16.87
CA SER C 213 4.39 -29.99 -16.28
C SER C 213 4.99 -30.94 -17.31
N PHE C 214 5.87 -31.82 -16.85
CA PHE C 214 6.35 -32.94 -17.66
C PHE C 214 6.72 -34.12 -16.78
N ASN C 215 6.76 -35.30 -17.39
CA ASN C 215 7.22 -36.52 -16.72
C ASN C 215 8.55 -36.90 -17.35
N ARG C 216 9.56 -37.09 -16.51
CA ARG C 216 10.95 -37.16 -16.94
C ARG C 216 11.22 -37.92 -18.25
N ASN C 217 10.76 -39.17 -18.33
CA ASN C 217 11.24 -40.07 -19.38
C ASN C 217 10.23 -40.50 -20.46
N GLU C 218 8.94 -40.42 -20.15
CA GLU C 218 7.90 -40.75 -21.15
C GLU C 218 7.52 -39.51 -21.96
N CYS C 219 7.99 -39.47 -23.20
CA CYS C 219 7.75 -38.32 -24.10
C CYS C 219 8.22 -38.62 -25.53
N GLN D 1 28.54 21.41 -20.35
CA GLN D 1 29.69 22.24 -19.87
C GLN D 1 30.38 21.60 -18.66
N VAL D 2 29.62 21.35 -17.59
CA VAL D 2 30.13 20.59 -16.44
C VAL D 2 30.02 19.09 -16.70
N THR D 3 31.17 18.42 -16.82
CA THR D 3 31.18 16.96 -16.98
C THR D 3 31.94 16.29 -15.85
N LEU D 4 31.57 15.05 -15.55
CA LEU D 4 32.31 14.21 -14.61
C LEU D 4 32.55 12.83 -15.25
N LYS D 5 33.75 12.27 -15.08
CA LYS D 5 34.01 10.93 -15.59
C LYS D 5 34.78 10.11 -14.56
N GLU D 6 34.25 8.95 -14.17
CA GLU D 6 35.03 8.08 -13.27
C GLU D 6 35.68 6.90 -13.97
N SER D 7 36.73 6.37 -13.33
CA SER D 7 37.57 5.33 -13.90
C SER D 7 38.31 4.56 -12.80
N GLY D 8 38.86 3.40 -13.18
CA GLY D 8 39.53 2.48 -12.24
C GLY D 8 39.34 1.05 -12.70
N PRO D 9 39.93 0.06 -11.99
CA PRO D 9 39.77 -1.33 -12.42
C PRO D 9 38.33 -1.84 -12.23
N GLY D 10 37.88 -2.69 -13.16
CA GLY D 10 36.53 -3.25 -13.10
C GLY D 10 36.42 -4.55 -12.30
N ILE D 11 37.55 -5.17 -12.03
CA ILE D 11 37.59 -6.39 -11.24
C ILE D 11 38.77 -6.37 -10.28
N LEU D 12 38.50 -6.82 -9.06
CA LEU D 12 39.50 -6.96 -8.01
C LEU D 12 39.20 -8.20 -7.21
N GLN D 13 40.22 -8.71 -6.52
CA GLN D 13 40.05 -9.77 -5.56
C GLN D 13 39.67 -9.21 -4.20
N PRO D 14 38.82 -9.92 -3.44
CA PRO D 14 38.66 -9.52 -2.03
C PRO D 14 40.01 -9.35 -1.35
N SER D 15 40.08 -8.33 -0.48
CA SER D 15 41.25 -7.93 0.34
C SER D 15 42.14 -6.89 -0.33
N GLN D 16 42.03 -6.78 -1.65
CA GLN D 16 42.79 -5.81 -2.44
C GLN D 16 42.26 -4.39 -2.23
N THR D 17 42.94 -3.42 -2.83
CA THR D 17 42.63 -2.00 -2.68
C THR D 17 42.09 -1.46 -4.00
N LEU D 18 40.88 -0.88 -4.00
CA LEU D 18 40.40 -0.19 -5.20
C LEU D 18 40.69 1.31 -5.13
N SER D 19 41.33 1.80 -6.19
CA SER D 19 41.64 3.21 -6.32
C SER D 19 40.96 3.73 -7.57
N LEU D 20 40.02 4.66 -7.35
CA LEU D 20 39.16 5.19 -8.40
C LEU D 20 39.46 6.65 -8.67
N THR D 21 39.21 7.07 -9.90
CA THR D 21 39.39 8.47 -10.25
C THR D 21 38.13 9.11 -10.85
N CYS D 22 37.83 10.31 -10.36
CA CYS D 22 36.83 11.18 -10.94
C CYS D 22 37.54 12.33 -11.67
N SER D 23 37.39 12.37 -12.99
CA SER D 23 37.94 13.47 -13.80
C SER D 23 36.81 14.36 -14.28
N PHE D 24 36.96 15.66 -14.04
CA PHE D 24 35.90 16.60 -14.36
C PHE D 24 36.37 17.82 -15.18
N SER D 25 35.39 18.60 -15.65
CA SER D 25 35.63 19.82 -16.43
C SER D 25 34.37 20.65 -16.34
N GLY D 26 34.50 21.96 -16.50
CA GLY D 26 33.34 22.85 -16.46
C GLY D 26 33.18 23.58 -15.14
N PHE D 27 34.06 23.27 -14.21
CA PHE D 27 34.20 23.98 -12.94
C PHE D 27 35.58 23.66 -12.38
N SER D 28 36.04 24.40 -11.38
CA SER D 28 37.30 24.06 -10.70
C SER D 28 37.01 23.73 -9.23
N LEU D 29 37.75 22.80 -8.66
CA LEU D 29 37.46 22.36 -7.30
C LEU D 29 37.79 23.44 -6.27
N SER D 30 38.85 24.19 -6.55
CA SER D 30 39.23 25.31 -5.67
C SER D 30 38.42 26.55 -6.03
N THR D 31 37.16 26.56 -5.57
CA THR D 31 36.24 27.69 -5.75
C THR D 31 34.97 27.60 -4.91
N SER D 32 34.84 28.54 -3.98
CA SER D 32 33.54 29.07 -3.54
C SER D 32 32.44 28.03 -3.25
N GLY D 33 32.78 26.92 -2.62
CA GLY D 33 31.77 25.95 -2.23
C GLY D 33 31.58 24.80 -3.21
N MET D 34 32.62 24.50 -3.98
CA MET D 34 32.60 23.31 -4.84
C MET D 34 32.95 22.08 -4.02
N GLY D 35 32.09 21.08 -4.10
CA GLY D 35 32.36 19.78 -3.50
C GLY D 35 32.03 18.64 -4.44
N VAL D 36 32.78 17.55 -4.32
CA VAL D 36 32.48 16.29 -5.01
C VAL D 36 32.31 15.13 -4.02
N SER D 37 31.19 14.43 -4.14
CA SER D 37 30.93 13.20 -3.39
C SER D 37 31.20 11.96 -4.23
N TRP D 38 31.44 10.85 -3.54
CA TRP D 38 31.33 9.54 -4.16
C TRP D 38 30.11 8.84 -3.60
N ILE D 39 29.32 8.28 -4.51
CA ILE D 39 28.09 7.59 -4.20
C ILE D 39 28.04 6.32 -5.05
N ARG D 40 27.75 5.18 -4.43
CA ARG D 40 27.73 3.92 -5.18
C ARG D 40 26.34 3.29 -5.23
N GLN D 41 26.12 2.43 -6.23
CA GLN D 41 24.85 1.75 -6.42
C GLN D 41 25.04 0.29 -6.85
N PRO D 42 24.81 -0.67 -5.93
CA PRO D 42 24.74 -2.07 -6.37
C PRO D 42 23.58 -2.27 -7.34
N SER D 43 23.76 -3.19 -8.31
CA SER D 43 22.76 -3.48 -9.33
C SER D 43 21.37 -3.71 -8.75
N GLY D 44 20.40 -2.96 -9.26
CA GLY D 44 19.01 -3.05 -8.82
C GLY D 44 18.73 -2.65 -7.38
N LYS D 45 19.58 -1.78 -6.83
CA LYS D 45 19.46 -1.34 -5.43
C LYS D 45 19.64 0.17 -5.30
N GLY D 46 19.48 0.68 -4.09
CA GLY D 46 19.56 2.12 -3.84
C GLY D 46 20.97 2.69 -3.85
N LEU D 47 21.06 4.01 -3.77
CA LEU D 47 22.36 4.70 -3.70
C LEU D 47 22.88 4.69 -2.28
N GLU D 48 24.21 4.72 -2.16
CA GLU D 48 24.88 4.82 -0.87
C GLU D 48 25.98 5.85 -0.94
N TRP D 49 25.82 6.95 -0.20
CA TRP D 49 26.83 8.01 -0.11
C TRP D 49 28.07 7.52 0.62
N LEU D 50 29.26 7.83 0.09
CA LEU D 50 30.49 7.30 0.65
C LEU D 50 31.41 8.32 1.33
N ALA D 51 31.66 9.43 0.65
CA ALA D 51 32.63 10.41 1.10
C ALA D 51 32.39 11.69 0.33
N HIS D 52 32.74 12.81 0.96
CA HIS D 52 32.66 14.12 0.33
C HIS D 52 33.92 14.90 0.59
N ILE D 53 34.39 15.59 -0.44
CA ILE D 53 35.55 16.46 -0.30
C ILE D 53 35.14 17.86 -0.76
N TYR D 54 35.56 18.87 0.00
CA TYR D 54 35.22 20.25 -0.27
C TYR D 54 36.37 20.96 -0.97
N TRP D 55 36.10 22.15 -1.51
CA TRP D 55 37.16 23.00 -2.04
C TRP D 55 38.26 23.23 -1.02
N ASP D 56 38.02 22.79 0.22
CA ASP D 56 38.91 23.12 1.33
C ASP D 56 39.95 22.02 1.53
N ASP D 57 39.68 20.84 1.00
CA ASP D 57 40.36 19.63 1.43
C ASP D 57 39.83 19.16 2.78
N ASP D 58 38.82 19.85 3.29
CA ASP D 58 37.90 19.27 4.27
C ASP D 58 37.21 18.03 3.71
N LYS D 59 37.19 16.97 4.49
CA LYS D 59 36.67 15.69 4.03
C LYS D 59 35.64 15.12 5.00
N ARG D 60 34.58 14.54 4.44
CA ARG D 60 33.56 13.85 5.24
C ARG D 60 33.30 12.46 4.70
N TYR D 61 33.05 11.53 5.62
CA TYR D 61 33.02 10.12 5.30
C TYR D 61 31.78 9.43 5.81
N ASN D 62 31.42 8.32 5.17
CA ASN D 62 30.42 7.41 5.69
C ASN D 62 31.08 6.66 6.86
N PRO D 63 30.53 6.81 8.08
CA PRO D 63 31.12 6.19 9.28
C PRO D 63 31.07 4.65 9.27
N SER D 64 30.19 4.07 8.47
CA SER D 64 30.11 2.62 8.34
C SER D 64 31.25 2.05 7.50
N LEU D 65 32.05 2.93 6.89
CA LEU D 65 33.16 2.56 6.00
C LEU D 65 34.41 3.42 6.22
N LYS D 66 34.39 4.24 7.28
CA LYS D 66 35.48 5.15 7.66
C LYS D 66 36.90 4.60 7.47
N SER D 67 37.20 3.51 8.15
CA SER D 67 38.55 2.95 8.20
C SER D 67 39.05 2.44 6.84
N ARG D 68 38.12 2.24 5.90
CA ARG D 68 38.46 1.75 4.57
C ARG D 68 38.49 2.85 3.49
N LEU D 69 37.89 4.00 3.77
CA LEU D 69 37.77 5.07 2.76
C LEU D 69 38.84 6.16 2.90
N THR D 70 39.32 6.64 1.76
CA THR D 70 40.17 7.85 1.70
C THR D 70 39.85 8.62 0.41
N ILE D 71 39.36 9.85 0.58
CA ILE D 71 39.00 10.72 -0.54
C ILE D 71 40.06 11.82 -0.74
N SER D 72 40.48 12.00 -1.99
CA SER D 72 41.58 12.90 -2.33
C SER D 72 41.22 13.83 -3.48
N LYS D 73 42.07 14.84 -3.69
CA LYS D 73 41.94 15.74 -4.84
C LYS D 73 43.31 16.11 -5.42
N ASP D 74 43.33 16.33 -6.74
CA ASP D 74 44.46 16.93 -7.44
C ASP D 74 43.87 18.10 -8.22
N THR D 75 43.79 19.22 -7.52
CA THR D 75 43.04 20.41 -7.93
C THR D 75 43.49 20.94 -9.29
N SER D 76 44.79 20.96 -9.50
CA SER D 76 45.40 21.35 -10.78
C SER D 76 44.91 20.49 -11.94
N ARG D 77 44.81 19.18 -11.69
CA ARG D 77 44.50 18.20 -12.73
C ARG D 77 43.01 17.92 -12.87
N ASN D 78 42.18 18.69 -12.18
CA ASN D 78 40.72 18.50 -12.18
C ASN D 78 40.31 17.06 -11.87
N GLN D 79 40.85 16.55 -10.77
CA GLN D 79 40.63 15.16 -10.39
C GLN D 79 40.31 14.98 -8.94
N VAL D 80 39.53 13.94 -8.67
CA VAL D 80 39.15 13.55 -7.32
C VAL D 80 39.29 12.04 -7.21
N PHE D 81 39.94 11.58 -6.14
CA PHE D 81 40.21 10.16 -5.95
C PHE D 81 39.40 9.57 -4.81
N LEU D 82 39.19 8.26 -4.87
CA LEU D 82 38.85 7.51 -3.66
C LEU D 82 39.64 6.22 -3.60
N LYS D 83 40.00 5.86 -2.38
CA LYS D 83 40.76 4.66 -2.11
C LYS D 83 39.92 3.88 -1.12
N ILE D 84 39.56 2.65 -1.50
CA ILE D 84 38.93 1.71 -0.61
C ILE D 84 39.82 0.50 -0.46
N THR D 85 40.23 0.25 0.77
CA THR D 85 41.12 -0.84 1.10
C THR D 85 40.29 -2.05 1.58
N SER D 86 40.91 -3.23 1.56
CA SER D 86 40.28 -4.49 1.99
C SER D 86 38.89 -4.68 1.39
N VAL D 87 38.82 -4.61 0.06
CA VAL D 87 37.55 -4.71 -0.62
C VAL D 87 36.98 -6.08 -0.36
N ASP D 88 35.66 -6.15 -0.29
CA ASP D 88 35.00 -7.41 -0.21
C ASP D 88 33.94 -7.43 -1.29
N THR D 89 33.38 -8.60 -1.50
CA THR D 89 32.22 -8.85 -2.37
C THR D 89 31.16 -7.73 -2.35
N THR D 90 30.80 -7.26 -1.17
CA THR D 90 29.69 -6.30 -1.03
C THR D 90 30.04 -4.90 -1.54
N ASP D 91 31.32 -4.67 -1.83
CA ASP D 91 31.79 -3.46 -2.50
C ASP D 91 31.57 -3.51 -4.02
N THR D 92 30.87 -4.55 -4.49
CA THR D 92 30.49 -4.66 -5.90
C THR D 92 29.39 -3.64 -6.15
N ALA D 93 29.61 -2.76 -7.12
CA ALA D 93 28.73 -1.62 -7.36
C ALA D 93 29.22 -0.73 -8.47
N THR D 94 28.31 0.08 -9.01
CA THR D 94 28.68 1.20 -9.82
C THR D 94 29.05 2.36 -8.88
N TYR D 95 30.24 2.90 -9.08
CA TYR D 95 30.69 4.06 -8.32
C TYR D 95 30.56 5.34 -9.12
N TYR D 96 29.81 6.29 -8.55
CA TYR D 96 29.60 7.59 -9.14
C TYR D 96 30.36 8.69 -8.37
N CYS D 97 30.92 9.62 -9.13
CA CYS D 97 31.30 10.90 -8.57
C CYS D 97 30.33 11.96 -9.07
N THR D 98 30.04 12.92 -8.20
CA THR D 98 29.02 13.90 -8.45
C THR D 98 29.37 15.19 -7.73
N ARG D 99 29.08 16.32 -8.36
CA ARG D 99 29.35 17.60 -7.72
C ARG D 99 28.08 18.22 -7.19
N SER D 100 28.22 18.92 -6.08
CA SER D 100 27.14 19.63 -5.40
C SER D 100 26.82 20.94 -6.11
N SER D 101 25.76 21.61 -5.67
CA SER D 101 25.29 22.86 -6.28
C SER D 101 26.43 23.84 -6.56
N GLY D 102 27.24 24.11 -5.54
CA GLY D 102 28.44 24.93 -5.71
C GLY D 102 28.39 26.29 -5.05
N SER D 103 27.31 26.57 -4.33
CA SER D 103 27.16 27.83 -3.61
C SER D 103 27.67 27.71 -2.18
N ILE D 104 26.90 27.04 -1.32
CA ILE D 104 27.22 26.85 0.10
C ILE D 104 26.47 25.66 0.71
N VAL D 105 26.80 25.33 1.96
CA VAL D 105 26.24 24.17 2.70
C VAL D 105 26.31 22.90 1.85
N ILE D 106 27.54 22.46 1.61
CA ILE D 106 27.85 21.56 0.50
C ILE D 106 27.74 20.05 0.70
N ALA D 107 26.51 19.57 0.82
CA ALA D 107 26.22 18.14 0.98
C ALA D 107 25.00 17.70 0.18
N THR D 108 24.17 18.66 -0.20
CA THR D 108 22.97 18.41 -0.99
C THR D 108 23.14 18.91 -2.42
N GLY D 109 22.09 18.75 -3.22
CA GLY D 109 22.02 19.31 -4.55
C GLY D 109 23.04 18.75 -5.51
N PHE D 110 23.07 17.43 -5.65
CA PHE D 110 23.98 16.77 -6.58
C PHE D 110 23.42 16.86 -8.00
N ALA D 111 23.83 17.93 -8.68
CA ALA D 111 23.22 18.32 -9.95
C ALA D 111 23.91 17.64 -11.12
N TYR D 112 25.21 17.44 -10.99
CA TYR D 112 26.00 16.85 -12.05
C TYR D 112 26.71 15.59 -11.59
N TRP D 113 26.43 14.49 -12.29
CA TRP D 113 26.99 13.18 -11.98
C TRP D 113 27.80 12.70 -13.17
N GLY D 114 28.86 11.95 -12.89
CA GLY D 114 29.55 11.19 -13.92
C GLY D 114 28.70 10.02 -14.40
N GLN D 115 29.26 9.21 -15.28
CA GLN D 115 28.54 8.09 -15.89
C GLN D 115 28.46 6.86 -14.99
N GLY D 116 29.40 6.76 -14.04
CA GLY D 116 29.56 5.60 -13.19
C GLY D 116 30.51 4.60 -13.82
N THR D 117 31.42 4.05 -13.00
CA THR D 117 32.19 2.87 -13.34
C THR D 117 31.73 1.70 -12.50
N LEU D 118 31.55 0.55 -13.13
CA LEU D 118 31.21 -0.67 -12.41
C LEU D 118 32.49 -1.31 -11.89
N VAL D 119 32.50 -1.61 -10.58
CA VAL D 119 33.57 -2.38 -9.99
C VAL D 119 32.96 -3.65 -9.40
N THR D 120 33.51 -4.79 -9.81
CA THR D 120 33.10 -6.08 -9.33
C THR D 120 34.22 -6.70 -8.50
N VAL D 121 33.90 -7.09 -7.29
CA VAL D 121 34.85 -7.76 -6.41
C VAL D 121 34.53 -9.25 -6.28
N SER D 122 35.44 -10.10 -6.74
CA SER D 122 35.21 -11.54 -6.74
C SER D 122 36.53 -12.32 -6.67
N ALA D 123 36.46 -13.52 -6.10
CA ALA D 123 37.60 -14.42 -6.10
C ALA D 123 37.48 -15.47 -7.20
N ALA D 124 36.43 -15.35 -8.01
CA ALA D 124 36.23 -16.30 -9.10
C ALA D 124 37.29 -16.09 -10.17
N LYS D 125 37.70 -17.19 -10.77
CA LYS D 125 38.53 -17.19 -11.96
C LYS D 125 37.66 -17.18 -13.21
N THR D 126 38.22 -16.63 -14.29
CA THR D 126 37.57 -16.63 -15.59
C THR D 126 37.13 -18.04 -15.95
N THR D 127 35.84 -18.15 -16.25
CA THR D 127 35.24 -19.42 -16.58
C THR D 127 34.36 -19.17 -17.78
N ALA D 128 34.56 -19.99 -18.80
CA ALA D 128 33.79 -19.94 -20.01
C ALA D 128 32.38 -20.50 -19.73
N PRO D 129 31.37 -20.01 -20.48
CA PRO D 129 30.04 -20.50 -20.14
C PRO D 129 29.80 -21.90 -20.68
N SER D 130 29.00 -22.67 -19.95
CA SER D 130 28.38 -23.86 -20.50
C SER D 130 27.05 -23.39 -21.10
N VAL D 131 26.78 -23.80 -22.34
CA VAL D 131 25.62 -23.36 -23.10
C VAL D 131 24.82 -24.57 -23.52
N TYR D 132 23.58 -24.61 -23.06
CA TYR D 132 22.71 -25.76 -23.24
C TYR D 132 21.47 -25.38 -24.05
N PRO D 133 21.18 -26.16 -25.12
CA PRO D 133 19.99 -25.86 -25.90
C PRO D 133 18.74 -26.37 -25.18
N LEU D 134 17.66 -25.61 -25.23
CA LEU D 134 16.42 -26.02 -24.60
C LEU D 134 15.36 -26.19 -25.65
N ALA D 135 15.11 -27.45 -26.00
CA ALA D 135 14.04 -27.84 -26.89
C ALA D 135 12.80 -28.13 -26.04
N PRO D 136 11.60 -27.89 -26.60
CA PRO D 136 10.35 -28.18 -25.90
C PRO D 136 10.26 -29.64 -25.47
N VAL D 137 9.41 -29.92 -24.48
CA VAL D 137 9.13 -31.30 -24.06
C VAL D 137 8.95 -32.18 -25.31
N CYS D 138 9.43 -33.43 -25.22
CA CYS D 138 9.53 -34.34 -26.37
C CYS D 138 8.26 -34.48 -27.21
N GLY D 139 7.13 -34.83 -26.56
CA GLY D 139 5.93 -35.26 -27.29
C GLY D 139 4.76 -34.29 -27.29
N ASP D 140 4.98 -33.10 -27.86
CA ASP D 140 3.97 -32.04 -27.86
C ASP D 140 3.65 -31.57 -29.28
N THR D 141 2.42 -31.10 -29.49
CA THR D 141 1.93 -30.77 -30.84
C THR D 141 1.24 -29.40 -30.97
N THR D 142 1.15 -28.65 -29.88
CA THR D 142 0.33 -27.42 -29.85
C THR D 142 0.94 -26.21 -30.56
N GLY D 143 0.08 -25.23 -30.85
CA GLY D 143 0.49 -23.87 -31.15
C GLY D 143 0.79 -23.52 -32.59
N SER D 144 0.47 -22.27 -32.93
CA SER D 144 0.87 -21.66 -34.20
C SER D 144 2.30 -21.15 -34.06
N SER D 145 2.70 -20.92 -32.82
CA SER D 145 4.06 -20.53 -32.48
C SER D 145 4.63 -21.43 -31.38
N VAL D 146 5.95 -21.48 -31.29
CA VAL D 146 6.64 -22.42 -30.41
C VAL D 146 7.73 -21.65 -29.65
N THR D 147 7.88 -21.93 -28.35
CA THR D 147 8.92 -21.34 -27.53
C THR D 147 10.09 -22.29 -27.30
N LEU D 148 11.27 -21.86 -27.72
CA LEU D 148 12.53 -22.58 -27.52
C LEU D 148 13.36 -21.81 -26.49
N GLY D 149 14.43 -22.42 -26.00
CA GLY D 149 15.24 -21.74 -24.98
C GLY D 149 16.73 -22.03 -25.04
N CYS D 150 17.48 -21.29 -24.22
CA CYS D 150 18.92 -21.40 -24.21
C CYS D 150 19.47 -20.96 -22.86
N LEU D 151 20.04 -21.93 -22.14
CA LEU D 151 20.57 -21.72 -20.81
C LEU D 151 22.10 -21.60 -20.86
N VAL D 152 22.57 -20.47 -20.30
CA VAL D 152 23.99 -20.13 -20.23
C VAL D 152 24.41 -20.17 -18.75
N LYS D 153 25.25 -21.13 -18.40
CA LYS D 153 25.48 -21.46 -17.02
C LYS D 153 26.97 -21.50 -16.64
N GLY D 154 27.32 -20.78 -15.57
CA GLY D 154 28.60 -20.95 -14.88
C GLY D 154 29.76 -20.17 -15.48
N TYR D 155 29.52 -18.89 -15.74
CA TYR D 155 30.55 -18.02 -16.30
C TYR D 155 30.99 -16.89 -15.39
N PHE D 156 32.22 -16.43 -15.63
CA PHE D 156 32.78 -15.25 -15.00
C PHE D 156 33.83 -14.64 -15.92
N PRO D 157 33.87 -13.31 -16.01
CA PRO D 157 32.88 -12.38 -15.49
C PRO D 157 31.73 -12.14 -16.47
N GLU D 158 30.92 -11.14 -16.15
CA GLU D 158 29.96 -10.59 -17.09
C GLU D 158 30.68 -9.60 -18.01
N PRO D 159 30.13 -9.33 -19.21
CA PRO D 159 28.87 -9.83 -19.74
C PRO D 159 29.02 -11.09 -20.57
N VAL D 160 27.88 -11.64 -20.92
CA VAL D 160 27.75 -12.51 -22.08
C VAL D 160 26.90 -11.73 -23.10
N THR D 161 27.02 -12.08 -24.38
CA THR D 161 26.14 -11.58 -25.40
C THR D 161 25.43 -12.79 -25.97
N LEU D 162 24.11 -12.67 -26.17
CA LEU D 162 23.32 -13.77 -26.71
C LEU D 162 22.43 -13.29 -27.85
N THR D 163 22.56 -13.96 -29.00
CA THR D 163 21.78 -13.67 -30.19
C THR D 163 21.14 -14.97 -30.66
N TRP D 164 20.12 -14.84 -31.51
CA TRP D 164 19.49 -15.99 -32.14
C TRP D 164 19.62 -15.85 -33.65
N ASN D 165 20.03 -16.94 -34.30
CA ASN D 165 20.43 -16.93 -35.71
C ASN D 165 21.33 -15.75 -36.07
N SER D 166 22.46 -15.66 -35.37
CA SER D 166 23.44 -14.59 -35.53
C SER D 166 22.81 -13.19 -35.62
N GLY D 167 21.78 -12.97 -34.80
CA GLY D 167 21.13 -11.67 -34.69
C GLY D 167 20.01 -11.45 -35.68
N SER D 168 19.91 -12.32 -36.69
CA SER D 168 18.88 -12.20 -37.72
C SER D 168 17.49 -12.55 -37.18
N LEU D 169 17.46 -13.28 -36.07
CA LEU D 169 16.22 -13.53 -35.36
C LEU D 169 16.26 -12.68 -34.09
N SER D 170 15.37 -11.70 -34.04
CA SER D 170 15.46 -10.61 -33.07
C SER D 170 14.21 -10.43 -32.24
N SER D 171 13.05 -10.67 -32.85
CA SER D 171 11.79 -10.49 -32.12
C SER D 171 11.27 -11.82 -31.58
N GLY D 172 10.38 -11.76 -30.60
CA GLY D 172 9.90 -12.94 -29.90
C GLY D 172 10.85 -13.38 -28.80
N VAL D 173 11.81 -12.50 -28.49
CA VAL D 173 12.94 -12.85 -27.63
C VAL D 173 12.88 -12.18 -26.25
N HIS D 174 13.03 -12.99 -25.22
CA HIS D 174 13.34 -12.50 -23.87
C HIS D 174 14.68 -13.06 -23.40
N THR D 175 15.65 -12.17 -23.19
CA THR D 175 16.92 -12.56 -22.64
C THR D 175 17.04 -12.00 -21.24
N PHE D 176 17.21 -12.88 -20.25
CA PHE D 176 17.03 -12.50 -18.85
C PHE D 176 18.30 -12.01 -18.17
N PRO D 177 18.15 -11.12 -17.18
CA PRO D 177 19.35 -10.60 -16.50
C PRO D 177 20.09 -11.75 -15.86
N ALA D 178 21.42 -11.70 -15.93
CA ALA D 178 22.23 -12.72 -15.29
C ALA D 178 22.00 -12.70 -13.79
N VAL D 179 22.10 -13.87 -13.17
CA VAL D 179 22.10 -13.97 -11.71
C VAL D 179 23.27 -14.84 -11.22
N LEU D 180 23.69 -14.60 -9.98
CA LEU D 180 24.87 -15.20 -9.43
C LEU D 180 24.53 -16.54 -8.76
N GLN D 181 24.84 -17.64 -9.45
CA GLN D 181 24.56 -18.95 -8.97
C GLN D 181 25.45 -19.33 -7.82
N SER D 182 26.74 -19.02 -7.93
CA SER D 182 27.67 -19.18 -6.83
C SER D 182 28.58 -17.98 -6.70
N ASP D 183 29.82 -18.16 -7.13
CA ASP D 183 30.63 -17.09 -7.68
C ASP D 183 30.40 -16.96 -9.18
N LEU D 184 29.57 -17.83 -9.73
CA LEU D 184 29.43 -17.93 -11.17
C LEU D 184 28.09 -17.42 -11.59
N TYR D 185 28.01 -16.92 -12.83
CA TYR D 185 26.77 -16.34 -13.35
C TYR D 185 26.09 -17.29 -14.29
N THR D 186 24.77 -17.10 -14.38
CA THR D 186 23.88 -17.86 -15.25
C THR D 186 22.87 -16.89 -15.80
N LEU D 187 22.55 -17.05 -17.08
CA LEU D 187 21.38 -16.39 -17.67
C LEU D 187 20.71 -17.35 -18.63
N SER D 188 19.51 -16.97 -19.09
CA SER D 188 18.78 -17.72 -20.07
C SER D 188 18.04 -16.79 -21.02
N SER D 189 17.57 -17.35 -22.14
CA SER D 189 16.83 -16.62 -23.15
C SER D 189 15.76 -17.51 -23.78
N SER D 190 14.60 -16.93 -24.08
CA SER D 190 13.59 -17.67 -24.84
C SER D 190 13.41 -17.04 -26.22
N VAL D 191 13.13 -17.87 -27.22
CA VAL D 191 12.55 -17.42 -28.50
C VAL D 191 11.21 -18.07 -28.67
N THR D 192 10.29 -17.31 -29.25
CA THR D 192 9.02 -17.81 -29.70
C THR D 192 8.92 -17.49 -31.20
N VAL D 193 8.90 -18.56 -32.00
CA VAL D 193 8.80 -18.46 -33.46
C VAL D 193 7.56 -19.23 -33.90
N THR D 194 7.19 -19.09 -35.17
CA THR D 194 6.02 -19.82 -35.70
C THR D 194 6.34 -21.31 -35.85
N SER D 195 5.38 -22.16 -35.48
CA SER D 195 5.51 -23.63 -35.67
C SER D 195 6.08 -24.06 -37.02
N SER D 196 5.61 -23.44 -38.10
CA SER D 196 6.10 -23.75 -39.45
C SER D 196 7.55 -23.35 -39.67
N THR D 197 8.07 -22.50 -38.78
CA THR D 197 9.48 -22.08 -38.84
C THR D 197 10.42 -23.15 -38.28
N TRP D 198 10.04 -23.74 -37.14
CA TRP D 198 10.91 -24.68 -36.43
C TRP D 198 10.20 -25.98 -36.05
N PRO D 199 10.83 -27.14 -36.31
CA PRO D 199 12.20 -27.34 -36.79
C PRO D 199 12.47 -27.25 -38.31
N SER D 200 11.47 -26.86 -39.12
CA SER D 200 11.67 -26.81 -40.58
C SER D 200 12.88 -25.95 -40.96
N GLN D 201 13.07 -24.86 -40.21
CA GLN D 201 14.25 -24.01 -40.35
C GLN D 201 15.11 -24.07 -39.09
N SER D 202 16.37 -23.69 -39.23
CA SER D 202 17.37 -23.83 -38.19
C SER D 202 17.35 -22.64 -37.23
N ILE D 203 17.23 -22.93 -35.94
CA ILE D 203 17.42 -21.90 -34.92
C ILE D 203 18.57 -22.27 -33.98
N THR D 204 19.60 -21.44 -34.00
CA THR D 204 20.72 -21.62 -33.10
C THR D 204 20.91 -20.44 -32.16
N CYS D 205 21.19 -20.76 -30.90
CA CYS D 205 21.52 -19.80 -29.87
C CYS D 205 23.02 -19.50 -30.03
N ASN D 206 23.37 -18.22 -30.10
CA ASN D 206 24.77 -17.80 -30.23
C ASN D 206 25.16 -17.05 -28.99
N VAL D 207 26.25 -17.47 -28.37
CA VAL D 207 26.70 -16.93 -27.11
C VAL D 207 28.17 -16.58 -27.21
N ALA D 208 28.50 -15.34 -26.84
CA ALA D 208 29.86 -14.87 -26.75
C ALA D 208 30.15 -14.46 -25.31
N HIS D 209 31.18 -15.06 -24.73
CA HIS D 209 31.75 -14.58 -23.48
C HIS D 209 33.10 -13.95 -23.80
N PRO D 210 33.11 -12.62 -24.01
CA PRO D 210 34.28 -11.88 -24.51
C PRO D 210 35.49 -11.91 -23.59
N ALA D 211 35.25 -11.94 -22.28
CA ALA D 211 36.32 -11.93 -21.31
C ALA D 211 37.21 -13.15 -21.43
N SER D 212 36.61 -14.28 -21.82
CA SER D 212 37.34 -15.53 -21.94
C SER D 212 37.53 -15.87 -23.42
N SER D 213 37.15 -14.93 -24.28
CA SER D 213 37.28 -15.05 -25.72
C SER D 213 36.64 -16.33 -26.26
N THR D 214 35.46 -16.66 -25.74
CA THR D 214 34.72 -17.81 -26.26
C THR D 214 33.47 -17.38 -27.02
N LYS D 215 33.21 -18.12 -28.09
CA LYS D 215 32.00 -18.02 -28.86
C LYS D 215 31.49 -19.43 -28.98
N VAL D 216 30.23 -19.62 -28.60
CA VAL D 216 29.58 -20.91 -28.67
C VAL D 216 28.33 -20.74 -29.50
N ASP D 217 28.03 -21.76 -30.30
CA ASP D 217 26.80 -21.82 -31.05
C ASP D 217 26.11 -23.11 -30.68
N LYS D 218 24.81 -23.02 -30.40
CA LYS D 218 24.03 -24.14 -29.96
C LYS D 218 22.71 -24.19 -30.72
N LYS D 219 22.59 -25.18 -31.59
CA LYS D 219 21.42 -25.37 -32.41
C LYS D 219 20.36 -26.04 -31.57
N ILE D 220 19.14 -25.55 -31.65
CA ILE D 220 18.05 -26.13 -30.86
C ILE D 220 17.50 -27.33 -31.63
N GLU D 221 17.77 -28.52 -31.11
CA GLU D 221 17.36 -29.76 -31.75
C GLU D 221 16.18 -30.40 -31.04
N PRO D 222 15.20 -30.90 -31.83
CA PRO D 222 14.05 -31.58 -31.27
C PRO D 222 14.48 -32.75 -30.39
N ARG D 223 13.81 -32.92 -29.26
CA ARG D 223 14.20 -33.94 -28.30
C ARG D 223 13.93 -35.34 -28.82
N GLY D 224 14.86 -36.26 -28.53
CA GLY D 224 14.61 -37.69 -28.71
C GLY D 224 13.70 -38.23 -27.61
N PRO D 225 13.47 -39.55 -27.61
CA PRO D 225 12.60 -40.16 -26.60
C PRO D 225 13.30 -40.56 -25.29
N THR D 226 14.62 -40.74 -25.34
CA THR D 226 15.39 -41.14 -24.16
C THR D 226 15.91 -39.90 -23.42
#